data_9C4A
#
_entry.id   9C4A
#
_cell.length_a   1.00
_cell.length_b   1.00
_cell.length_c   1.00
_cell.angle_alpha   90.00
_cell.angle_beta   90.00
_cell.angle_gamma   90.00
#
_symmetry.space_group_name_H-M   'P 1'
#
loop_
_entity.id
_entity.type
_entity.pdbx_description
1 polymer VP1
2 polymer VP0
3 polymer VP3
#
loop_
_entity_poly.entity_id
_entity_poly.type
_entity_poly.pdbx_seq_one_letter_code
_entity_poly.pdbx_strand_id
1 'polypeptide(L)'
;IESIIKTATDTVKSEINAELGVVPSLNAVETGASSNTEPEEAIQTRTVINQHGVSETLVENFLSRAALVSKRSFEYKNHT
SSEARTDKNFYKWTINTKSFVQLRRKLELFTYLRFDAEITILTTVAVGSNNSTYMGLPDLTLQAMFVPTGALTPEKQDSF
HWQSGSNASVFFKVSDPPARMTIPFMCINSAYSVFYDGFAGFEKNGLYGINPADTIGNLCVRIVNEHQPIGFTVTVRVYM
KPKHIKAWAPRPPRTLPYMSIANANYKGKERAPNALNAIIGNRESVKTMPHDIRLV
;
A
2 'polypeptide(L)'
;MGAQVTRQQTGTHENANIATNGSHITYNQINFYKDSYAASASKQDFSQDPSKFTEPVVEGLKAGAPVLKSPSAEACGYSD
RVLQLKLGNSAIVTQEAANYCCAYGEWPNYLPDHEAVAIDKPTQPETATDRFYTLKSVKWETESTGWWWKLPDALNNIGM
FGQNVQHHYLYRSGFLIHVQCNATKFHQGALLVVAIPEHQRGAHNTTTSPGFDDIMKGEEGGTFNHPYVLDDGTSLACAT
IFPHQWINLRTNNSATIVLPWMNAAPMDFPLRHNQWTLAIIPVVPLGTRTVSSMVPITVSIAPMCCEFNGLRHAITQ
;
B
3 'polypeptide(L)'
;GVPTYLLPGSGQFLTTDDHSSAPVLPCFNPTPEMHIPGQVRNMLEVIQVESMMEINNTENAVGMQRLKVDISVLTDVDQL
LFNIPLDIQLDGPLRNTLVGNISRYYTHWSGSLEMTFMFCGSFMATGKLILCYTPPGGSCPTTRETAMLGTHIVWDFGLQ
SSVTLVIPWISGSHYRMFNNDAKSTNANVGYVTCFMQTNLIVPSESSNTCSLIGFVAAKDDFSLRLMRDSPDIGQLEHLH
EAEAAYQ
;
C
#
# COMPACT_ATOMS: atom_id res chain seq x y z
N VAL A 54 13.94 -16.53 8.18
CA VAL A 54 13.84 -15.60 7.07
C VAL A 54 12.82 -16.11 6.05
N SER A 55 12.47 -17.38 6.16
CA SER A 55 11.49 -17.97 5.24
C SER A 55 10.06 -17.54 5.59
N GLU A 56 9.78 -17.30 6.87
CA GLU A 56 8.44 -16.92 7.28
C GLU A 56 8.03 -15.57 6.70
N THR A 57 8.99 -14.69 6.47
CA THR A 57 8.73 -13.34 6.01
C THR A 57 8.84 -13.19 4.49
N LEU A 58 8.86 -14.28 3.76
CA LEU A 58 8.77 -14.20 2.30
C LEU A 58 7.38 -13.70 1.89
N VAL A 59 7.29 -13.21 0.66
CA VAL A 59 6.00 -12.70 0.18
C VAL A 59 4.99 -13.82 0.06
N GLU A 60 5.43 -14.99 -0.41
CA GLU A 60 4.52 -16.13 -0.55
C GLU A 60 3.91 -16.53 0.79
N ASN A 61 4.75 -16.64 1.82
CA ASN A 61 4.24 -16.98 3.14
C ASN A 61 3.43 -15.83 3.74
N PHE A 62 3.81 -14.59 3.45
CA PHE A 62 3.13 -13.43 3.99
C PHE A 62 1.70 -13.33 3.47
N LEU A 63 1.49 -13.64 2.19
CA LEU A 63 0.19 -13.45 1.58
C LEU A 63 -0.64 -14.73 1.44
N SER A 64 0.00 -15.90 1.46
CA SER A 64 -0.70 -17.15 1.20
C SER A 64 -1.28 -17.71 2.49
N ARG A 65 -2.32 -17.03 2.97
CA ARG A 65 -3.09 -17.47 4.12
C ARG A 65 -4.56 -17.48 3.76
N ALA A 66 -5.24 -18.60 4.02
CA ALA A 66 -6.65 -18.71 3.72
C ALA A 66 -7.45 -17.73 4.57
N ALA A 67 -8.42 -17.08 3.93
CA ALA A 67 -9.21 -16.07 4.60
C ALA A 67 -10.66 -16.18 4.14
N LEU A 68 -11.59 -15.86 5.04
CA LEU A 68 -13.02 -15.94 4.74
C LEU A 68 -13.39 -14.74 3.87
N VAL A 69 -13.25 -14.93 2.56
CA VAL A 69 -13.51 -13.84 1.62
C VAL A 69 -14.99 -13.52 1.54
N SER A 70 -15.85 -14.52 1.72
CA SER A 70 -17.29 -14.26 1.65
C SER A 70 -18.03 -15.30 2.47
N LYS A 71 -19.11 -14.85 3.10
CA LYS A 71 -19.99 -15.73 3.87
C LYS A 71 -21.41 -15.20 3.72
N ARG A 72 -22.30 -16.04 3.20
CA ARG A 72 -23.66 -15.57 2.88
C ARG A 72 -24.60 -16.76 2.92
N SER A 73 -25.54 -16.75 3.86
CA SER A 73 -26.55 -17.78 3.94
C SER A 73 -27.76 -17.39 3.08
N PHE A 74 -28.57 -18.39 2.74
CA PHE A 74 -29.77 -18.14 1.96
C PHE A 74 -30.77 -19.25 2.24
N GLU A 75 -32.04 -18.88 2.38
CA GLU A 75 -33.11 -19.86 2.54
C GLU A 75 -33.45 -20.47 1.18
N TYR A 76 -34.20 -21.58 1.23
CA TYR A 76 -34.56 -22.30 0.01
C TYR A 76 -35.98 -22.85 0.03
N LYS A 77 -36.78 -22.53 1.05
CA LYS A 77 -38.07 -23.19 1.25
C LYS A 77 -39.04 -22.99 0.09
N ASN A 78 -39.27 -24.06 -0.68
CA ASN A 78 -40.29 -24.14 -1.72
C ASN A 78 -40.44 -22.84 -2.49
N HIS A 79 -39.34 -22.31 -3.02
CA HIS A 79 -39.37 -20.99 -3.65
C HIS A 79 -39.96 -21.05 -5.05
N THR A 80 -41.19 -21.56 -5.17
CA THR A 80 -41.88 -21.53 -6.45
C THR A 80 -42.33 -20.12 -6.81
N SER A 81 -42.70 -19.33 -5.80
CA SER A 81 -43.13 -17.96 -6.02
C SER A 81 -41.90 -17.08 -6.27
N SER A 82 -42.15 -15.78 -6.52
CA SER A 82 -41.11 -14.82 -6.83
C SER A 82 -40.50 -14.20 -5.58
N GLU A 83 -40.60 -14.86 -4.43
CA GLU A 83 -40.03 -14.32 -3.21
C GLU A 83 -38.50 -14.34 -3.26
N ALA A 84 -37.89 -13.20 -2.93
CA ALA A 84 -36.44 -13.07 -2.85
C ALA A 84 -35.76 -13.44 -4.18
N ARG A 85 -36.05 -12.61 -5.19
CA ARG A 85 -35.46 -12.80 -6.50
C ARG A 85 -33.94 -12.71 -6.40
N THR A 86 -33.26 -13.61 -7.13
CA THR A 86 -31.81 -13.83 -7.10
C THR A 86 -31.34 -14.34 -5.74
N ASP A 87 -32.25 -14.61 -4.80
CA ASP A 87 -31.90 -15.23 -3.52
C ASP A 87 -32.82 -16.41 -3.22
N LYS A 88 -33.58 -16.88 -4.21
CA LYS A 88 -34.54 -17.95 -3.98
C LYS A 88 -33.87 -19.20 -3.42
N ASN A 89 -32.95 -19.77 -4.18
CA ASN A 89 -32.22 -20.96 -3.74
C ASN A 89 -30.74 -20.88 -4.08
N PHE A 90 -30.22 -19.72 -4.43
CA PHE A 90 -28.83 -19.61 -4.85
C PHE A 90 -28.32 -18.21 -4.54
N TYR A 91 -27.00 -18.09 -4.51
CA TYR A 91 -26.34 -16.81 -4.33
C TYR A 91 -25.14 -16.74 -5.26
N LYS A 92 -24.75 -15.52 -5.62
CA LYS A 92 -23.60 -15.28 -6.47
C LYS A 92 -22.66 -14.30 -5.79
N TRP A 93 -21.37 -14.40 -6.13
CA TRP A 93 -20.36 -13.56 -5.51
C TRP A 93 -19.26 -13.33 -6.53
N THR A 94 -19.11 -12.08 -6.97
CA THR A 94 -17.98 -11.73 -7.83
C THR A 94 -16.70 -11.88 -7.05
N ILE A 95 -15.72 -12.57 -7.64
CA ILE A 95 -14.48 -12.90 -6.94
C ILE A 95 -13.61 -11.65 -6.94
N ASN A 96 -13.68 -10.88 -5.85
CA ASN A 96 -12.83 -9.71 -5.65
C ASN A 96 -12.13 -9.85 -4.32
N THR A 97 -10.84 -9.51 -4.30
CA THR A 97 -10.04 -9.63 -3.09
C THR A 97 -10.16 -8.44 -2.16
N LYS A 98 -10.72 -7.31 -2.64
CA LYS A 98 -10.84 -6.11 -1.83
C LYS A 98 -12.19 -6.05 -1.14
N SER A 99 -12.46 -7.09 -0.34
CA SER A 99 -13.71 -7.22 0.40
C SER A 99 -13.53 -7.11 1.90
N PHE A 100 -12.49 -7.74 2.46
CA PHE A 100 -12.20 -7.68 3.89
C PHE A 100 -10.97 -6.81 4.10
N VAL A 101 -11.00 -5.98 5.15
CA VAL A 101 -9.99 -4.93 5.32
C VAL A 101 -8.62 -5.54 5.58
N GLN A 102 -8.55 -6.66 6.31
CA GLN A 102 -7.26 -7.31 6.53
C GLN A 102 -6.59 -7.65 5.21
N LEU A 103 -7.31 -8.35 4.33
CA LEU A 103 -6.72 -8.74 3.05
C LEU A 103 -6.50 -7.52 2.16
N ARG A 104 -7.36 -6.51 2.26
CA ARG A 104 -7.16 -5.28 1.51
C ARG A 104 -5.83 -4.65 1.88
N ARG A 105 -5.58 -4.46 3.17
CA ARG A 105 -4.35 -3.81 3.59
C ARG A 105 -3.13 -4.66 3.26
N LYS A 106 -3.24 -5.98 3.40
CA LYS A 106 -2.10 -6.84 3.10
C LYS A 106 -1.78 -6.82 1.60
N LEU A 107 -2.80 -6.86 0.74
CA LEU A 107 -2.55 -6.90 -0.69
C LEU A 107 -2.16 -5.54 -1.25
N GLU A 108 -2.70 -4.46 -0.69
CA GLU A 108 -2.41 -3.11 -1.14
C GLU A 108 -1.04 -2.62 -0.73
N LEU A 109 -0.21 -3.50 -0.19
CA LEU A 109 1.20 -3.22 0.03
C LEU A 109 2.01 -3.35 -1.24
N PHE A 110 1.40 -3.79 -2.33
CA PHE A 110 2.06 -3.98 -3.61
C PHE A 110 1.20 -3.41 -4.72
N THR A 111 1.84 -3.07 -5.83
CA THR A 111 1.14 -2.49 -6.97
C THR A 111 0.62 -3.56 -7.92
N TYR A 112 1.44 -4.55 -8.22
CA TYR A 112 1.07 -5.62 -9.14
C TYR A 112 1.20 -6.97 -8.45
N LEU A 113 0.21 -7.84 -8.66
CA LEU A 113 0.19 -9.16 -8.08
C LEU A 113 -0.16 -10.19 -9.14
N ARG A 114 0.37 -11.40 -8.96
CA ARG A 114 0.09 -12.51 -9.87
C ARG A 114 0.01 -13.77 -9.02
N PHE A 115 -1.19 -14.34 -8.89
CA PHE A 115 -1.40 -15.47 -8.02
C PHE A 115 -2.56 -16.31 -8.52
N ASP A 116 -2.60 -17.56 -8.06
CA ASP A 116 -3.72 -18.45 -8.28
C ASP A 116 -4.52 -18.58 -7.00
N ALA A 117 -5.83 -18.41 -7.10
CA ALA A 117 -6.71 -18.43 -5.94
C ALA A 117 -7.27 -19.83 -5.75
N GLU A 118 -7.03 -20.41 -4.57
CA GLU A 118 -7.59 -21.70 -4.20
C GLU A 118 -8.81 -21.46 -3.32
N ILE A 119 -9.96 -21.98 -3.74
CA ILE A 119 -11.23 -21.73 -3.08
C ILE A 119 -11.69 -23.01 -2.41
N THR A 120 -11.96 -22.93 -1.10
CA THR A 120 -12.58 -24.01 -0.36
C THR A 120 -13.92 -23.53 0.17
N ILE A 121 -14.96 -24.33 -0.04
CA ILE A 121 -16.33 -23.97 0.31
C ILE A 121 -16.78 -24.84 1.46
N LEU A 122 -17.15 -24.22 2.57
CA LEU A 122 -17.65 -24.90 3.75
C LEU A 122 -19.13 -24.55 3.92
N THR A 123 -19.98 -25.56 3.96
CA THR A 123 -21.42 -25.37 4.02
C THR A 123 -21.99 -26.04 5.27
N THR A 124 -22.86 -25.33 5.96
CA THR A 124 -23.55 -25.84 7.14
C THR A 124 -25.05 -25.61 6.98
N VAL A 125 -25.85 -26.54 7.49
CA VAL A 125 -27.30 -26.46 7.40
C VAL A 125 -27.89 -26.54 8.80
N ALA A 126 -28.89 -25.71 9.05
CA ALA A 126 -29.56 -25.67 10.34
C ALA A 126 -30.94 -25.08 10.15
N VAL A 127 -31.78 -25.22 11.19
CA VAL A 127 -33.14 -24.68 11.18
C VAL A 127 -33.49 -24.28 12.60
N GLY A 128 -34.20 -23.16 12.73
CA GLY A 128 -34.64 -22.68 14.02
C GLY A 128 -36.14 -22.83 14.22
N SER A 129 -36.85 -23.21 13.15
CA SER A 129 -38.29 -23.36 13.24
C SER A 129 -38.68 -24.49 14.18
N ASN A 130 -37.99 -25.64 14.06
CA ASN A 130 -38.31 -26.83 14.87
C ASN A 130 -39.77 -27.24 14.72
N ASN A 131 -40.29 -27.16 13.50
CA ASN A 131 -41.69 -27.51 13.23
C ASN A 131 -41.98 -28.98 13.47
N SER A 132 -40.96 -29.83 13.51
CA SER A 132 -41.12 -31.25 13.76
C SER A 132 -39.98 -31.71 14.65
N THR A 133 -39.79 -33.03 14.73
CA THR A 133 -38.66 -33.58 15.47
C THR A 133 -37.36 -33.19 14.79
N TYR A 134 -36.24 -33.49 15.45
CA TYR A 134 -34.92 -33.18 14.91
C TYR A 134 -34.76 -33.86 13.56
N MET A 135 -35.01 -35.17 13.52
CA MET A 135 -35.08 -35.94 12.27
C MET A 135 -33.80 -35.79 11.44
N GLY A 136 -32.73 -35.29 12.04
CA GLY A 136 -31.50 -35.05 11.31
C GLY A 136 -31.67 -33.97 10.26
N LEU A 137 -30.63 -33.85 9.43
CA LEU A 137 -30.62 -32.94 8.30
C LEU A 137 -30.42 -33.75 7.04
N PRO A 138 -31.38 -33.72 6.10
CA PRO A 138 -31.21 -34.47 4.86
C PRO A 138 -30.00 -33.97 4.08
N ASP A 139 -29.31 -34.92 3.44
CA ASP A 139 -28.08 -34.61 2.71
C ASP A 139 -28.44 -33.92 1.41
N LEU A 140 -28.00 -32.67 1.25
CA LEU A 140 -28.23 -31.89 0.05
C LEU A 140 -26.97 -31.82 -0.79
N THR A 141 -27.15 -31.87 -2.10
CA THR A 141 -26.06 -31.70 -3.05
C THR A 141 -26.05 -30.27 -3.53
N LEU A 142 -24.89 -29.62 -3.49
CA LEU A 142 -24.74 -28.25 -3.91
C LEU A 142 -23.85 -28.17 -5.14
N GLN A 143 -24.16 -27.22 -6.02
CA GLN A 143 -23.39 -26.98 -7.22
C GLN A 143 -22.75 -25.61 -7.14
N ALA A 144 -21.42 -25.57 -7.30
CA ALA A 144 -20.66 -24.33 -7.33
C ALA A 144 -20.06 -24.19 -8.72
N MET A 145 -20.48 -23.18 -9.46
CA MET A 145 -20.02 -22.95 -10.82
C MET A 145 -19.18 -21.70 -10.87
N PHE A 146 -17.98 -21.81 -11.42
CA PHE A 146 -17.10 -20.66 -11.61
C PHE A 146 -17.38 -20.09 -12.99
N VAL A 147 -17.98 -18.90 -13.03
CA VAL A 147 -18.29 -18.23 -14.28
C VAL A 147 -17.19 -17.19 -14.54
N PRO A 148 -16.30 -17.43 -15.50
CA PRO A 148 -15.24 -16.46 -15.77
C PRO A 148 -15.80 -15.21 -16.44
N THR A 149 -14.96 -14.19 -16.53
CA THR A 149 -15.35 -12.95 -17.18
C THR A 149 -15.64 -13.21 -18.66
N GLY A 150 -16.62 -12.49 -19.19
CA GLY A 150 -17.05 -12.70 -20.55
C GLY A 150 -18.04 -13.82 -20.74
N ALA A 151 -18.56 -14.39 -19.65
CA ALA A 151 -19.54 -15.45 -19.72
C ALA A 151 -20.79 -15.03 -18.95
N LEU A 152 -21.89 -15.70 -19.24
CA LEU A 152 -23.18 -15.36 -18.65
C LEU A 152 -23.35 -16.05 -17.30
N THR A 153 -23.77 -15.29 -16.31
CA THR A 153 -24.01 -15.85 -14.98
C THR A 153 -25.49 -16.17 -14.80
N PRO A 154 -25.80 -17.21 -14.02
CA PRO A 154 -27.21 -17.54 -13.78
C PRO A 154 -27.95 -16.41 -13.07
N GLU A 155 -29.23 -16.27 -13.41
CA GLU A 155 -30.11 -15.33 -12.75
C GLU A 155 -31.15 -15.98 -11.87
N LYS A 156 -31.39 -17.28 -12.02
CA LYS A 156 -32.33 -18.02 -11.20
C LYS A 156 -31.78 -19.42 -10.93
N GLN A 157 -32.37 -20.09 -9.94
CA GLN A 157 -31.87 -21.40 -9.55
C GLN A 157 -32.01 -22.44 -10.64
N ASP A 158 -33.03 -22.33 -11.49
CA ASP A 158 -33.28 -23.32 -12.55
C ASP A 158 -32.88 -22.79 -13.93
N SER A 159 -32.02 -21.78 -13.99
CA SER A 159 -31.59 -21.25 -15.27
C SER A 159 -30.76 -22.27 -16.03
N PHE A 160 -30.81 -22.20 -17.36
CA PHE A 160 -30.06 -23.15 -18.17
C PHE A 160 -28.56 -22.92 -18.09
N HIS A 161 -28.12 -21.80 -17.54
CA HIS A 161 -26.69 -21.56 -17.39
C HIS A 161 -26.06 -22.52 -16.40
N TRP A 162 -26.86 -23.10 -15.51
CA TRP A 162 -26.34 -24.07 -14.55
C TRP A 162 -25.83 -25.34 -15.22
N GLN A 163 -26.26 -25.61 -16.44
CA GLN A 163 -25.83 -26.77 -17.21
C GLN A 163 -25.12 -26.35 -18.49
N SER A 164 -24.29 -25.31 -18.39
CA SER A 164 -23.68 -24.72 -19.57
C SER A 164 -22.78 -25.72 -20.30
N GLY A 165 -21.97 -26.45 -19.54
CA GLY A 165 -21.01 -27.36 -20.12
C GLY A 165 -19.68 -26.73 -20.46
N SER A 166 -19.58 -25.41 -20.37
CA SER A 166 -18.31 -24.70 -20.56
C SER A 166 -17.80 -24.10 -19.26
N ASN A 167 -18.68 -23.56 -18.42
CA ASN A 167 -18.28 -23.09 -17.11
C ASN A 167 -17.96 -24.29 -16.22
N ALA A 168 -16.81 -24.24 -15.55
CA ALA A 168 -16.43 -25.31 -14.65
C ALA A 168 -17.37 -25.34 -13.45
N SER A 169 -17.81 -26.54 -13.07
CA SER A 169 -18.75 -26.72 -11.99
C SER A 169 -18.32 -27.89 -11.13
N VAL A 170 -18.64 -27.82 -9.84
CA VAL A 170 -18.32 -28.88 -8.89
C VAL A 170 -19.60 -29.23 -8.13
N PHE A 171 -19.87 -30.52 -7.99
CA PHE A 171 -21.00 -31.01 -7.23
C PHE A 171 -20.50 -31.70 -5.98
N PHE A 172 -20.99 -31.25 -4.82
CA PHE A 172 -20.56 -31.79 -3.54
C PHE A 172 -21.76 -31.88 -2.61
N LYS A 173 -21.65 -32.77 -1.62
CA LYS A 173 -22.69 -32.99 -0.64
C LYS A 173 -22.32 -32.31 0.67
N VAL A 174 -23.34 -32.04 1.48
CA VAL A 174 -23.10 -31.38 2.77
C VAL A 174 -22.26 -32.27 3.67
N SER A 175 -22.56 -33.57 3.72
CA SER A 175 -21.82 -34.50 4.55
C SER A 175 -20.39 -34.72 4.09
N ASP A 176 -20.07 -34.37 2.86
CA ASP A 176 -18.72 -34.53 2.32
C ASP A 176 -17.80 -33.47 2.90
N PRO A 177 -16.49 -33.69 2.84
CA PRO A 177 -15.53 -32.66 3.23
C PRO A 177 -15.69 -31.44 2.34
N PRO A 178 -15.20 -30.27 2.77
CA PRO A 178 -15.35 -29.06 1.97
C PRO A 178 -14.73 -29.22 0.59
N ALA A 179 -15.40 -28.66 -0.41
CA ALA A 179 -14.94 -28.73 -1.78
C ALA A 179 -13.83 -27.73 -2.03
N ARG A 180 -12.80 -28.14 -2.76
CA ARG A 180 -11.67 -27.29 -3.06
C ARG A 180 -11.46 -27.21 -4.56
N MET A 181 -11.19 -26.01 -5.05
CA MET A 181 -10.86 -25.78 -6.46
C MET A 181 -9.83 -24.67 -6.53
N THR A 182 -8.94 -24.77 -7.52
CA THR A 182 -7.88 -23.77 -7.72
C THR A 182 -8.18 -22.98 -8.99
N ILE A 183 -8.53 -21.72 -8.82
CA ILE A 183 -8.74 -20.83 -9.96
C ILE A 183 -7.38 -20.31 -10.42
N PRO A 184 -7.02 -20.48 -11.69
CA PRO A 184 -5.71 -20.05 -12.16
C PRO A 184 -5.64 -18.53 -12.30
N PHE A 185 -4.49 -18.06 -12.78
CA PHE A 185 -4.28 -16.63 -13.01
C PHE A 185 -5.10 -16.21 -14.22
N MET A 186 -6.25 -15.58 -13.97
CA MET A 186 -7.19 -15.23 -15.04
C MET A 186 -7.12 -13.72 -15.27
N CYS A 187 -6.20 -13.32 -16.15
CA CYS A 187 -6.03 -11.92 -16.50
C CYS A 187 -5.39 -11.83 -17.88
N ILE A 188 -5.83 -10.84 -18.66
CA ILE A 188 -5.25 -10.65 -19.99
C ILE A 188 -3.87 -10.04 -19.89
N ASN A 189 -3.57 -9.37 -18.78
CA ASN A 189 -2.26 -8.80 -18.55
C ASN A 189 -1.39 -9.79 -17.78
N SER A 190 -0.12 -9.43 -17.62
CA SER A 190 0.83 -10.31 -16.93
C SER A 190 0.66 -10.31 -15.42
N ALA A 191 -0.09 -9.37 -14.86
CA ALA A 191 -0.29 -9.31 -13.43
C ALA A 191 -1.54 -8.51 -13.12
N TYR A 192 -2.17 -8.82 -12.00
CA TYR A 192 -3.30 -8.02 -11.54
C TYR A 192 -2.83 -6.63 -11.14
N SER A 193 -3.71 -5.66 -11.31
CA SER A 193 -3.44 -4.28 -10.93
C SER A 193 -4.20 -4.00 -9.63
N VAL A 194 -3.48 -4.02 -8.51
CA VAL A 194 -4.09 -3.67 -7.24
C VAL A 194 -4.55 -2.21 -7.27
N PHE A 195 -3.72 -1.33 -7.81
CA PHE A 195 -4.07 0.06 -8.02
C PHE A 195 -3.99 0.37 -9.50
N TYR A 196 -4.98 1.09 -10.01
CA TYR A 196 -5.07 1.41 -11.44
C TYR A 196 -5.31 2.90 -11.58
N ASP A 197 -4.27 3.64 -11.98
CA ASP A 197 -4.39 5.07 -12.24
C ASP A 197 -4.89 5.29 -13.67
N GLY A 198 -6.14 4.88 -13.88
CA GLY A 198 -6.71 4.97 -15.21
C GLY A 198 -8.21 4.81 -15.17
N PHE A 199 -8.82 4.91 -16.35
CA PHE A 199 -10.26 4.81 -16.50
C PHE A 199 -10.61 3.60 -17.37
N ALA A 200 -11.66 2.87 -16.97
CA ALA A 200 -12.02 1.65 -17.65
C ALA A 200 -12.44 1.90 -19.10
N GLY A 201 -13.52 2.64 -19.28
CA GLY A 201 -14.08 2.82 -20.62
C GLY A 201 -13.33 3.88 -21.41
N PHE A 202 -13.49 3.79 -22.74
CA PHE A 202 -12.91 4.80 -23.62
C PHE A 202 -13.62 6.14 -23.52
N GLU A 203 -14.92 6.13 -23.26
CA GLU A 203 -15.64 7.37 -22.99
C GLU A 203 -15.28 7.90 -21.61
N LYS A 204 -15.48 9.21 -21.41
CA LYS A 204 -15.10 9.85 -20.16
C LYS A 204 -15.97 9.43 -18.99
N ASN A 205 -17.09 8.74 -19.25
CA ASN A 205 -17.95 8.28 -18.17
C ASN A 205 -17.41 7.05 -17.45
N GLY A 206 -16.24 6.55 -17.84
CA GLY A 206 -15.69 5.38 -17.20
C GLY A 206 -15.34 5.63 -15.74
N LEU A 207 -15.22 4.54 -14.99
CA LEU A 207 -14.94 4.59 -13.57
C LEU A 207 -13.43 4.64 -13.33
N TYR A 208 -13.03 5.45 -12.37
CA TYR A 208 -11.62 5.59 -12.02
C TYR A 208 -11.19 4.43 -11.13
N GLY A 209 -10.06 3.81 -11.48
CA GLY A 209 -9.48 2.75 -10.70
C GLY A 209 -9.96 1.36 -11.06
N ILE A 210 -10.96 1.25 -11.92
CA ILE A 210 -11.50 -0.05 -12.33
C ILE A 210 -10.79 -0.45 -13.61
N ASN A 211 -9.99 -1.50 -13.54
CA ASN A 211 -9.30 -2.06 -14.68
C ASN A 211 -10.27 -3.01 -15.40
N PRO A 212 -10.56 -2.79 -16.68
CA PRO A 212 -11.39 -3.77 -17.40
C PRO A 212 -10.70 -5.11 -17.57
N ALA A 213 -9.39 -5.16 -17.36
CA ALA A 213 -8.67 -6.42 -17.21
C ALA A 213 -8.90 -6.94 -15.80
N ASP A 214 -8.09 -7.91 -15.37
CA ASP A 214 -8.29 -8.55 -14.07
C ASP A 214 -9.66 -9.21 -14.05
N THR A 215 -10.52 -8.83 -13.10
CA THR A 215 -11.88 -9.33 -13.05
C THR A 215 -11.90 -10.85 -13.06
N ILE A 216 -11.42 -11.46 -11.97
CA ILE A 216 -11.14 -12.90 -11.96
C ILE A 216 -12.35 -13.69 -12.44
N GLY A 217 -13.53 -13.36 -11.93
CA GLY A 217 -14.74 -14.02 -12.38
C GLY A 217 -15.81 -13.95 -11.31
N ASN A 218 -16.84 -14.76 -11.52
CA ASN A 218 -18.01 -14.80 -10.65
C ASN A 218 -18.25 -16.22 -10.20
N LEU A 219 -18.58 -16.40 -8.93
CA LEU A 219 -18.81 -17.71 -8.34
C LEU A 219 -20.26 -17.80 -7.90
N CYS A 220 -20.97 -18.83 -8.36
CA CYS A 220 -22.37 -19.04 -8.06
C CYS A 220 -22.55 -20.40 -7.41
N VAL A 221 -23.36 -20.44 -6.35
CA VAL A 221 -23.63 -21.66 -5.60
C VAL A 221 -25.13 -21.84 -5.46
N ARG A 222 -25.62 -23.03 -5.76
CA ARG A 222 -27.04 -23.33 -5.65
C ARG A 222 -27.22 -24.71 -5.03
N ILE A 223 -28.45 -24.98 -4.60
CA ILE A 223 -28.83 -26.30 -4.11
C ILE A 223 -29.39 -27.08 -5.29
N VAL A 224 -28.74 -28.20 -5.62
CA VAL A 224 -29.17 -28.99 -6.78
C VAL A 224 -30.51 -29.65 -6.52
N ASN A 225 -30.74 -30.13 -5.30
CA ASN A 225 -31.96 -30.86 -4.99
C ASN A 225 -33.18 -30.00 -5.22
N GLU A 226 -34.20 -30.57 -5.88
CA GLU A 226 -35.48 -29.90 -5.99
C GLU A 226 -36.04 -29.69 -4.58
N HIS A 227 -36.72 -28.56 -4.40
CA HIS A 227 -37.11 -28.10 -3.07
C HIS A 227 -37.88 -29.17 -2.30
N GLN A 228 -37.29 -29.64 -1.21
CA GLN A 228 -37.92 -30.64 -0.35
C GLN A 228 -39.06 -30.00 0.43
N PRO A 229 -39.98 -30.82 0.96
CA PRO A 229 -41.14 -30.26 1.66
C PRO A 229 -40.78 -29.33 2.81
N ILE A 230 -39.67 -29.57 3.49
CA ILE A 230 -39.24 -28.74 4.62
C ILE A 230 -38.17 -27.78 4.14
N GLY A 231 -38.35 -26.49 4.45
CA GLY A 231 -37.34 -25.51 4.11
C GLY A 231 -36.15 -25.57 5.05
N PHE A 232 -35.05 -24.95 4.62
CA PHE A 232 -33.82 -25.02 5.39
C PHE A 232 -33.00 -23.77 5.14
N THR A 233 -32.17 -23.44 6.12
CA THR A 233 -31.19 -22.36 6.00
C THR A 233 -29.80 -22.98 5.89
N VAL A 234 -29.12 -22.69 4.80
CA VAL A 234 -27.77 -23.18 4.57
C VAL A 234 -26.83 -21.99 4.48
N THR A 235 -25.68 -22.09 5.12
CA THR A 235 -24.67 -21.04 5.10
C THR A 235 -23.43 -21.56 4.41
N VAL A 236 -22.98 -20.84 3.39
CA VAL A 236 -21.79 -21.22 2.63
C VAL A 236 -20.67 -20.25 2.97
N ARG A 237 -19.54 -20.79 3.43
CA ARG A 237 -18.36 -20.00 3.73
C ARG A 237 -17.31 -20.28 2.66
N VAL A 238 -16.77 -19.21 2.08
CA VAL A 238 -15.79 -19.30 1.01
C VAL A 238 -14.44 -18.83 1.55
N TYR A 239 -13.43 -19.69 1.43
CA TYR A 239 -12.08 -19.38 1.86
C TYR A 239 -11.17 -19.36 0.65
N MET A 240 -10.46 -18.26 0.46
CA MET A 240 -9.54 -18.09 -0.66
C MET A 240 -8.12 -18.00 -0.14
N LYS A 241 -7.22 -18.76 -0.75
CA LYS A 241 -5.81 -18.80 -0.35
C LYS A 241 -4.95 -18.61 -1.60
N PRO A 242 -4.39 -17.42 -1.81
CA PRO A 242 -3.55 -17.21 -2.99
C PRO A 242 -2.32 -18.12 -2.96
N LYS A 243 -1.94 -18.60 -4.15
CA LYS A 243 -0.81 -19.50 -4.29
C LYS A 243 0.07 -19.03 -5.44
N HIS A 244 1.35 -19.35 -5.35
CA HIS A 244 2.34 -18.97 -6.36
C HIS A 244 2.31 -17.46 -6.61
N ILE A 245 2.53 -16.72 -5.54
CA ILE A 245 2.33 -15.27 -5.54
C ILE A 245 3.61 -14.59 -5.97
N LYS A 246 3.48 -13.63 -6.89
CA LYS A 246 4.57 -12.73 -7.27
C LYS A 246 4.10 -11.31 -7.10
N ALA A 247 4.96 -10.46 -6.53
CA ALA A 247 4.59 -9.10 -6.20
C ALA A 247 5.62 -8.12 -6.74
N TRP A 248 5.16 -6.92 -7.08
CA TRP A 248 6.02 -5.89 -7.62
C TRP A 248 5.65 -4.54 -7.02
N ALA A 249 6.65 -3.66 -6.93
CA ALA A 249 6.46 -2.24 -6.60
C ALA A 249 5.75 -2.06 -5.26
N PRO A 250 6.43 -2.31 -4.14
CA PRO A 250 5.76 -2.17 -2.84
C PRO A 250 5.37 -0.72 -2.57
N ARG A 251 4.30 -0.57 -1.79
CA ARG A 251 3.65 0.71 -1.55
C ARG A 251 3.52 0.97 -0.06
N PRO A 252 3.38 2.24 0.35
CA PRO A 252 3.16 2.54 1.76
C PRO A 252 1.88 1.92 2.26
N PRO A 253 1.87 1.45 3.50
CA PRO A 253 0.66 0.84 4.05
C PRO A 253 -0.45 1.86 4.22
N ARG A 254 -1.68 1.37 4.12
CA ARG A 254 -2.85 2.20 4.36
C ARG A 254 -2.90 2.62 5.82
N THR A 255 -3.20 3.89 6.07
CA THR A 255 -3.28 4.42 7.42
C THR A 255 -4.66 4.91 7.81
N LEU A 256 -5.48 5.30 6.86
CA LEU A 256 -6.81 5.78 7.18
C LEU A 256 -7.85 4.70 6.93
N PRO A 257 -8.96 4.70 7.66
CA PRO A 257 -10.02 3.73 7.41
C PRO A 257 -10.55 3.84 6.00
N TYR A 258 -10.87 2.69 5.41
CA TYR A 258 -11.41 2.68 4.06
C TYR A 258 -12.82 3.26 4.03
N MET A 259 -13.13 3.96 2.95
CA MET A 259 -14.44 4.54 2.74
C MET A 259 -15.31 3.76 1.77
N SER A 260 -14.72 2.99 0.86
CA SER A 260 -15.48 2.23 -0.13
C SER A 260 -14.63 1.09 -0.63
N ILE A 261 -15.28 0.10 -1.25
CA ILE A 261 -14.58 -1.04 -1.82
C ILE A 261 -14.05 -0.76 -3.20
N ALA A 262 -14.45 0.34 -3.83
CA ALA A 262 -14.00 0.67 -5.18
C ALA A 262 -13.10 1.90 -5.24
N ASN A 263 -13.01 2.68 -4.18
CA ASN A 263 -12.23 3.91 -4.17
C ASN A 263 -11.10 3.79 -3.14
N ALA A 264 -10.08 4.62 -3.33
CA ALA A 264 -9.04 4.83 -2.33
C ALA A 264 -9.37 6.00 -1.42
N ASN A 265 -10.65 6.34 -1.30
CA ASN A 265 -11.05 7.49 -0.50
C ASN A 265 -10.71 7.28 0.97
N TYR A 266 -10.36 8.36 1.65
CA TYR A 266 -9.94 8.33 3.04
C TYR A 266 -10.78 9.32 3.83
N LYS A 267 -10.98 9.03 5.11
CA LYS A 267 -11.73 9.92 6.00
C LYS A 267 -10.76 10.74 6.82
N GLY A 268 -10.64 12.03 6.50
CA GLY A 268 -9.75 12.91 7.23
C GLY A 268 -8.78 13.66 6.34
N ALA B 98 23.64 14.51 -13.54
CA ALA B 98 24.39 14.68 -12.31
C ALA B 98 23.72 13.93 -11.15
N ASN B 99 24.24 12.74 -10.85
CA ASN B 99 23.73 11.89 -9.78
C ASN B 99 22.24 11.58 -9.98
N TYR B 100 21.97 10.88 -11.08
CA TYR B 100 20.62 10.47 -11.39
C TYR B 100 20.22 9.27 -10.55
N CYS B 101 18.91 9.01 -10.50
CA CYS B 101 18.34 7.90 -9.74
C CYS B 101 17.59 6.99 -10.70
N CYS B 102 18.13 5.81 -10.95
CA CYS B 102 17.45 4.82 -11.77
C CYS B 102 16.40 4.12 -10.93
N ALA B 103 15.14 4.26 -11.31
CA ALA B 103 14.05 3.69 -10.52
C ALA B 103 14.10 2.16 -10.56
N TYR B 104 14.07 1.55 -9.38
CA TYR B 104 14.07 0.10 -9.21
C TYR B 104 15.29 -0.55 -9.84
N GLY B 105 16.37 0.21 -10.03
CA GLY B 105 17.59 -0.34 -10.62
C GLY B 105 17.41 -0.81 -12.04
N GLU B 106 16.58 -0.15 -12.82
CA GLU B 106 16.35 -0.52 -14.23
C GLU B 106 16.61 0.70 -15.10
N TRP B 107 17.40 0.51 -16.16
CA TRP B 107 17.69 1.56 -17.12
C TRP B 107 17.14 1.17 -18.49
N PRO B 108 15.98 1.69 -18.89
CA PRO B 108 15.37 1.38 -20.19
C PRO B 108 16.19 1.93 -21.36
N THR B 129 12.90 11.89 -28.16
CA THR B 129 14.02 11.66 -27.26
C THR B 129 14.85 12.93 -27.09
N ASP B 130 15.34 13.14 -25.86
CA ASP B 130 16.17 14.28 -25.49
C ASP B 130 15.48 15.62 -25.73
N ARG B 131 14.17 15.62 -25.96
CA ARG B 131 13.46 16.88 -26.15
C ARG B 131 13.41 17.69 -24.85
N PHE B 132 13.20 17.02 -23.72
CA PHE B 132 13.16 17.65 -22.40
C PHE B 132 12.13 18.77 -22.36
N TYR B 133 10.87 18.37 -22.53
CA TYR B 133 9.76 19.30 -22.42
C TYR B 133 9.76 19.96 -21.06
N THR B 134 10.02 21.26 -21.02
CA THR B 134 10.10 22.00 -19.77
C THR B 134 8.74 22.60 -19.46
N LEU B 135 8.11 22.16 -18.39
CA LEU B 135 6.84 22.70 -18.00
C LEU B 135 7.01 24.09 -17.41
N LYS B 136 5.90 24.83 -17.33
CA LYS B 136 5.93 26.14 -16.69
C LYS B 136 6.32 25.99 -15.23
N SER B 137 7.26 26.85 -14.79
CA SER B 137 7.78 26.74 -13.43
C SER B 137 6.68 27.04 -12.41
N VAL B 138 6.72 26.31 -11.31
CA VAL B 138 5.80 26.52 -10.20
C VAL B 138 6.51 27.31 -9.12
N LYS B 139 5.73 28.02 -8.32
CA LYS B 139 6.26 28.89 -7.28
C LYS B 139 6.16 28.18 -5.93
N TRP B 140 7.32 27.93 -5.32
CA TRP B 140 7.39 27.31 -4.01
C TRP B 140 7.25 28.39 -2.95
N GLU B 141 6.11 28.42 -2.28
CA GLU B 141 5.86 29.35 -1.19
C GLU B 141 6.00 28.64 0.14
N THR B 142 5.93 29.42 1.22
CA THR B 142 6.05 28.85 2.55
C THR B 142 4.84 28.00 2.92
N GLU B 143 3.69 28.22 2.27
CA GLU B 143 2.47 27.49 2.59
C GLU B 143 2.09 26.48 1.51
N SER B 144 2.98 26.23 0.54
CA SER B 144 2.67 25.27 -0.51
C SER B 144 2.57 23.87 0.06
N THR B 145 1.60 23.10 -0.45
CA THR B 145 1.43 21.71 0.00
C THR B 145 2.14 20.73 -0.91
N GLY B 146 2.26 21.03 -2.19
CA GLY B 146 2.94 20.14 -3.11
C GLY B 146 2.30 20.20 -4.49
N TRP B 147 2.99 19.60 -5.45
CA TRP B 147 2.54 19.55 -6.83
C TRP B 147 2.76 18.15 -7.36
N TRP B 148 1.89 17.73 -8.29
CA TRP B 148 2.02 16.43 -8.92
C TRP B 148 1.67 16.53 -10.39
N TRP B 149 2.33 15.68 -11.19
CA TRP B 149 2.06 15.57 -12.62
C TRP B 149 1.98 14.10 -12.97
N LYS B 150 0.93 13.71 -13.69
CA LYS B 150 0.80 12.34 -14.19
C LYS B 150 1.49 12.27 -15.54
N LEU B 151 2.52 11.43 -15.63
CA LEU B 151 3.52 11.56 -16.69
C LEU B 151 2.95 11.39 -18.10
N PRO B 152 2.20 10.32 -18.43
CA PRO B 152 1.63 10.26 -19.78
C PRO B 152 0.71 11.43 -20.09
N ASP B 153 -0.05 11.88 -19.10
CA ASP B 153 -1.01 12.96 -19.31
C ASP B 153 -0.32 14.31 -19.49
N ALA B 154 0.82 14.51 -18.82
CA ALA B 154 1.48 15.81 -18.87
C ALA B 154 1.94 16.16 -20.28
N LEU B 155 2.49 15.18 -21.00
CA LEU B 155 3.01 15.41 -22.34
C LEU B 155 2.00 15.05 -23.44
N ASN B 156 0.76 14.74 -23.06
CA ASN B 156 -0.23 14.31 -24.05
C ASN B 156 -0.62 15.43 -25.00
N ASN B 157 -0.37 16.68 -24.65
CA ASN B 157 -0.85 17.81 -25.44
C ASN B 157 0.27 18.72 -25.93
N ILE B 158 1.52 18.24 -25.91
CA ILE B 158 2.66 19.06 -26.29
C ILE B 158 3.62 18.23 -27.13
N GLY B 159 4.20 18.87 -28.14
CA GLY B 159 5.34 18.31 -28.86
C GLY B 159 5.03 17.05 -29.64
N MET B 160 6.08 16.54 -30.30
CA MET B 160 5.93 15.34 -31.11
C MET B 160 5.40 14.19 -30.28
N PHE B 161 5.67 14.19 -28.97
CA PHE B 161 5.10 13.16 -28.10
C PHE B 161 3.58 13.22 -28.12
N GLY B 162 3.01 14.42 -27.92
CA GLY B 162 1.56 14.55 -27.95
C GLY B 162 0.97 14.27 -29.32
N GLN B 163 1.62 14.77 -30.37
CA GLN B 163 1.14 14.47 -31.72
C GLN B 163 1.12 12.98 -32.01
N ASN B 164 2.19 12.25 -31.67
CA ASN B 164 2.19 10.81 -31.89
C ASN B 164 1.18 10.12 -30.98
N VAL B 165 0.99 10.63 -29.76
CA VAL B 165 0.07 9.99 -28.81
C VAL B 165 -1.35 10.06 -29.33
N GLN B 166 -1.77 11.21 -29.86
CA GLN B 166 -3.14 11.23 -30.38
C GLN B 166 -3.22 10.77 -31.82
N HIS B 167 -2.08 10.58 -32.51
CA HIS B 167 -2.12 9.92 -33.81
C HIS B 167 -2.36 8.43 -33.67
N HIS B 168 -1.66 7.78 -32.75
CA HIS B 168 -1.78 6.33 -32.56
C HIS B 168 -2.71 6.02 -31.39
N TYR B 169 -3.18 4.78 -31.37
CA TYR B 169 -3.94 4.25 -30.24
C TYR B 169 -3.04 3.61 -29.19
N LEU B 170 -1.73 3.66 -29.40
CA LEU B 170 -0.78 2.85 -28.64
C LEU B 170 0.41 3.71 -28.23
N TYR B 171 1.07 3.30 -27.15
CA TYR B 171 2.23 4.02 -26.64
C TYR B 171 3.04 3.11 -25.73
N ARG B 172 4.37 3.22 -25.82
CA ARG B 172 5.26 2.43 -24.96
C ARG B 172 6.61 3.13 -24.88
N SER B 173 6.99 3.60 -23.69
CA SER B 173 8.26 4.27 -23.49
C SER B 173 8.50 4.49 -22.00
N GLY B 174 9.76 4.79 -21.67
CA GLY B 174 10.13 5.23 -20.35
C GLY B 174 10.07 6.74 -20.22
N PHE B 175 10.70 7.24 -19.15
CA PHE B 175 10.73 8.67 -18.89
C PHE B 175 12.02 9.06 -18.21
N LEU B 176 12.38 10.34 -18.36
CA LEU B 176 13.51 10.95 -17.66
C LEU B 176 13.02 12.24 -17.03
N ILE B 177 13.22 12.39 -15.72
CA ILE B 177 12.69 13.51 -14.97
C ILE B 177 13.86 14.29 -14.39
N HIS B 178 13.83 15.61 -14.57
CA HIS B 178 14.80 16.50 -13.95
C HIS B 178 14.04 17.63 -13.26
N VAL B 179 14.28 17.80 -11.97
CA VAL B 179 13.65 18.83 -11.16
C VAL B 179 14.75 19.73 -10.61
N GLN B 180 14.59 21.04 -10.80
CA GLN B 180 15.59 22.00 -10.38
C GLN B 180 14.93 23.17 -9.67
N CYS B 181 15.59 23.66 -8.62
CA CYS B 181 15.14 24.83 -7.88
C CYS B 181 16.17 25.94 -8.00
N ASN B 182 15.69 27.18 -7.96
CA ASN B 182 16.54 28.36 -8.04
C ASN B 182 16.40 29.12 -6.74
N ALA B 183 17.38 28.98 -5.85
CA ALA B 183 17.36 29.61 -4.55
C ALA B 183 18.76 30.03 -4.16
N THR B 184 18.83 30.99 -3.24
CA THR B 184 20.10 31.49 -2.74
C THR B 184 20.53 30.70 -1.51
N LYS B 185 21.74 31.00 -1.03
CA LYS B 185 22.27 30.33 0.16
C LYS B 185 21.55 30.72 1.44
N PHE B 186 20.71 31.76 1.39
CA PHE B 186 19.96 32.19 2.55
C PHE B 186 18.57 31.55 2.63
N HIS B 187 18.25 30.66 1.70
CA HIS B 187 16.98 29.95 1.70
C HIS B 187 17.14 28.58 2.35
N GLN B 188 16.06 28.10 2.96
CA GLN B 188 16.04 26.80 3.59
C GLN B 188 14.76 26.08 3.20
N GLY B 189 14.82 24.76 3.20
CA GLY B 189 13.68 23.94 2.87
C GLY B 189 14.12 22.61 2.29
N ALA B 190 13.22 21.64 2.36
CA ALA B 190 13.47 20.30 1.85
C ALA B 190 12.30 19.85 1.00
N LEU B 191 12.59 19.24 -0.14
CA LEU B 191 11.59 18.72 -1.05
C LEU B 191 11.75 17.22 -1.20
N LEU B 192 10.63 16.52 -1.32
CA LEU B 192 10.62 15.10 -1.63
C LEU B 192 10.14 14.94 -3.07
N VAL B 193 11.05 14.58 -3.96
CA VAL B 193 10.74 14.35 -5.36
C VAL B 193 10.57 12.85 -5.52
N VAL B 194 9.31 12.40 -5.60
CA VAL B 194 8.98 10.98 -5.60
C VAL B 194 8.11 10.67 -6.81
N ALA B 195 8.41 9.56 -7.48
CA ALA B 195 7.64 9.07 -8.61
C ALA B 195 6.82 7.88 -8.14
N ILE B 196 5.50 8.04 -8.10
CA ILE B 196 4.59 7.02 -7.59
C ILE B 196 4.01 6.25 -8.77
N PRO B 197 4.23 4.95 -8.86
CA PRO B 197 3.61 4.16 -9.93
C PRO B 197 2.16 3.85 -9.60
N GLU B 198 1.28 4.07 -10.57
CA GLU B 198 -0.15 3.80 -10.43
C GLU B 198 -0.73 4.51 -9.21
N HIS B 199 -0.48 5.81 -9.12
CA HIS B 199 -0.94 6.60 -7.99
C HIS B 199 -2.44 6.86 -8.15
N GLN B 200 -3.23 5.88 -7.74
CA GLN B 200 -4.68 6.02 -7.76
C GLN B 200 -5.12 6.93 -6.64
N ARG B 201 -5.55 8.14 -6.98
CA ARG B 201 -5.92 9.13 -5.97
C ARG B 201 -7.26 8.78 -5.34
N GLY B 202 -7.60 9.51 -4.28
CA GLY B 202 -8.86 9.32 -3.61
C GLY B 202 -9.44 10.65 -3.16
N ALA B 203 -10.75 10.63 -2.91
CA ALA B 203 -11.46 11.80 -2.43
C ALA B 203 -11.29 11.94 -0.91
N HIS B 204 -11.67 13.10 -0.40
CA HIS B 204 -11.39 13.41 1.00
C HIS B 204 -12.57 13.13 1.93
N ASN B 205 -13.79 13.49 1.55
CA ASN B 205 -14.92 13.32 2.45
C ASN B 205 -16.15 12.82 1.72
N THR B 206 -15.97 11.86 0.81
CA THR B 206 -17.10 11.31 0.09
C THR B 206 -16.73 9.93 -0.43
N THR B 207 -17.75 9.17 -0.80
CA THR B 207 -17.58 7.81 -1.28
C THR B 207 -17.51 7.73 -2.81
N THR B 208 -17.64 8.85 -3.51
CA THR B 208 -17.60 8.85 -4.96
C THR B 208 -16.17 8.95 -5.46
N SER B 209 -15.89 8.28 -6.58
CA SER B 209 -14.54 8.26 -7.11
C SER B 209 -14.17 9.63 -7.68
N PRO B 210 -12.87 9.94 -7.74
CA PRO B 210 -12.45 11.17 -8.42
C PRO B 210 -12.82 11.14 -9.89
N GLY B 211 -13.14 12.32 -10.43
CA GLY B 211 -13.59 12.43 -11.80
C GLY B 211 -12.46 12.62 -12.79
N PHE B 212 -12.83 12.58 -14.07
CA PHE B 212 -11.85 12.78 -15.14
C PHE B 212 -11.25 14.18 -15.06
N ASP B 213 -12.06 15.19 -14.76
CA ASP B 213 -11.56 16.56 -14.70
C ASP B 213 -10.52 16.73 -13.60
N ASP B 214 -10.75 16.13 -12.43
CA ASP B 214 -9.83 16.29 -11.31
C ASP B 214 -8.75 15.22 -11.27
N ILE B 215 -8.74 14.28 -12.21
CA ILE B 215 -7.64 13.34 -12.35
C ILE B 215 -6.69 13.74 -13.46
N MET B 216 -7.22 13.99 -14.67
CA MET B 216 -6.40 14.37 -15.82
C MET B 216 -6.26 15.88 -15.84
N LYS B 217 -5.17 16.37 -15.25
CA LYS B 217 -4.90 17.80 -15.17
C LYS B 217 -4.00 18.30 -16.29
N GLY B 218 -3.53 17.42 -17.17
CA GLY B 218 -2.70 17.87 -18.26
C GLY B 218 -1.32 18.31 -17.80
N GLU B 219 -0.69 19.14 -18.63
CA GLU B 219 0.64 19.65 -18.31
C GLU B 219 0.61 20.66 -17.17
N GLU B 220 -0.55 21.21 -16.85
CA GLU B 220 -0.66 22.12 -15.70
C GLU B 220 -0.37 21.39 -14.40
N GLY B 221 -0.88 20.16 -14.26
CA GLY B 221 -0.68 19.40 -13.05
C GLY B 221 -1.68 19.79 -11.98
N GLY B 222 -1.52 19.17 -10.81
CA GLY B 222 -2.37 19.43 -9.67
C GLY B 222 -1.56 19.63 -8.41
N THR B 223 -2.27 19.94 -7.34
CA THR B 223 -1.67 20.16 -6.03
C THR B 223 -2.23 19.17 -5.02
N PHE B 224 -1.42 18.83 -4.02
CA PHE B 224 -1.83 17.88 -3.00
C PHE B 224 -2.77 18.55 -2.01
N ASN B 225 -3.95 17.96 -1.83
CA ASN B 225 -4.87 18.45 -0.81
C ASN B 225 -4.40 18.05 0.58
N HIS B 226 -3.94 16.80 0.73
CA HIS B 226 -3.45 16.28 2.00
C HIS B 226 -2.12 15.57 1.73
N PRO B 227 -1.02 16.32 1.66
CA PRO B 227 0.27 15.68 1.41
C PRO B 227 0.68 14.71 2.50
N TYR B 228 0.14 14.85 3.70
CA TYR B 228 0.48 13.93 4.79
C TYR B 228 0.04 12.51 4.44
N VAL B 229 -1.13 12.36 3.84
CA VAL B 229 -1.64 11.05 3.47
C VAL B 229 -1.52 10.79 1.97
N LEU B 230 -0.87 11.69 1.24
CA LEU B 230 -0.57 11.48 -0.18
C LEU B 230 -1.84 11.46 -1.04
N ASP B 231 -2.95 11.97 -0.50
CA ASP B 231 -4.23 11.98 -1.20
C ASP B 231 -4.64 10.57 -1.62
N ASP B 232 -4.21 9.59 -0.84
CA ASP B 232 -4.40 8.19 -1.19
C ASP B 232 -4.91 7.49 0.06
N GLY B 233 -4.62 8.06 1.22
CA GLY B 233 -4.88 7.40 2.48
C GLY B 233 -3.72 6.64 3.06
N THR B 234 -2.59 6.59 2.35
CA THR B 234 -1.36 6.00 2.86
C THR B 234 -0.60 7.05 3.67
N SER B 235 0.69 6.80 3.94
CA SER B 235 1.48 7.73 4.71
C SER B 235 2.55 8.33 3.83
N LEU B 236 2.79 9.64 3.99
CA LEU B 236 3.89 10.29 3.32
C LEU B 236 5.23 9.82 3.87
N ALA B 237 5.27 9.51 5.17
CA ALA B 237 6.52 9.09 5.80
C ALA B 237 7.07 7.84 5.15
N CYS B 238 6.21 6.95 4.66
CA CYS B 238 6.63 5.73 4.01
C CYS B 238 6.72 5.86 2.49
N ALA B 239 6.51 7.06 1.95
CA ALA B 239 6.58 7.25 0.51
C ALA B 239 7.98 7.09 -0.04
N THR B 240 9.00 7.03 0.83
CA THR B 240 10.37 6.82 0.37
C THR B 240 10.58 5.44 -0.22
N ILE B 241 9.62 4.51 -0.04
CA ILE B 241 9.74 3.20 -0.66
C ILE B 241 9.67 3.31 -2.17
N PHE B 242 9.01 4.34 -2.69
CA PHE B 242 8.97 4.61 -4.11
C PHE B 242 10.29 5.22 -4.57
N PRO B 243 10.59 5.17 -5.86
CA PRO B 243 11.77 5.88 -6.38
C PRO B 243 11.66 7.36 -6.07
N HIS B 244 12.70 7.90 -5.43
CA HIS B 244 12.61 9.25 -4.89
C HIS B 244 14.01 9.84 -4.78
N GLN B 245 14.04 11.17 -4.67
CA GLN B 245 15.26 11.91 -4.37
C GLN B 245 14.91 13.06 -3.45
N TRP B 246 15.89 13.48 -2.65
CA TRP B 246 15.71 14.56 -1.69
C TRP B 246 16.39 15.81 -2.19
N ILE B 247 15.69 16.93 -2.12
CA ILE B 247 16.24 18.23 -2.48
C ILE B 247 16.29 19.04 -1.19
N ASN B 248 17.46 19.06 -0.55
CA ASN B 248 17.69 19.88 0.63
C ASN B 248 18.47 21.12 0.20
N LEU B 249 17.83 22.28 0.33
CA LEU B 249 18.36 23.50 -0.30
C LEU B 249 19.76 23.86 0.20
N ARG B 250 20.15 23.40 1.38
CA ARG B 250 21.48 23.70 1.88
C ARG B 250 22.55 22.79 1.30
N THR B 251 22.17 21.71 0.64
CA THR B 251 23.13 20.78 0.05
C THR B 251 23.00 20.64 -1.46
N ASN B 252 21.78 20.58 -1.98
CA ASN B 252 21.57 20.42 -3.41
C ASN B 252 20.28 21.11 -3.80
N ASN B 253 20.14 21.38 -5.11
CA ASN B 253 18.95 22.05 -5.62
C ASN B 253 18.36 21.33 -6.83
N SER B 254 18.86 20.15 -7.18
CA SER B 254 18.39 19.43 -8.36
C SER B 254 18.21 17.97 -8.02
N ALA B 255 17.30 17.32 -8.76
CA ALA B 255 17.05 15.90 -8.61
C ALA B 255 16.72 15.31 -9.98
N THR B 256 17.24 14.13 -10.26
CA THR B 256 17.03 13.46 -11.53
C THR B 256 16.61 12.02 -11.28
N ILE B 257 15.51 11.60 -11.91
CA ILE B 257 14.97 10.26 -11.77
C ILE B 257 14.74 9.68 -13.15
N VAL B 258 15.12 8.41 -13.33
CA VAL B 258 14.90 7.68 -14.57
C VAL B 258 13.82 6.64 -14.31
N LEU B 259 12.75 6.68 -15.09
CA LEU B 259 11.59 5.84 -14.84
C LEU B 259 11.46 4.74 -15.87
N PRO B 260 11.26 3.49 -15.44
CA PRO B 260 11.11 2.38 -16.40
C PRO B 260 9.72 2.30 -16.98
N TRP B 261 9.43 1.22 -17.71
CA TRP B 261 8.15 1.09 -18.39
C TRP B 261 6.99 1.10 -17.41
N MET B 262 7.03 0.24 -16.38
CA MET B 262 6.01 0.21 -15.32
C MET B 262 4.60 0.05 -15.88
N ASN B 263 4.36 -1.13 -16.45
CA ASN B 263 3.01 -1.51 -16.83
C ASN B 263 2.90 -3.02 -16.82
N ALA B 264 1.77 -3.52 -16.32
CA ALA B 264 1.53 -4.96 -16.32
C ALA B 264 1.43 -5.49 -17.74
N ALA B 265 0.70 -4.80 -18.60
CA ALA B 265 0.57 -5.20 -19.99
C ALA B 265 1.79 -4.75 -20.80
N PRO B 266 2.12 -5.48 -21.87
CA PRO B 266 3.21 -5.02 -22.75
C PRO B 266 2.84 -3.79 -23.55
N MET B 267 1.57 -3.40 -23.56
CA MET B 267 1.11 -2.30 -24.39
C MET B 267 0.14 -1.47 -23.55
N ASP B 268 -0.04 -0.20 -23.91
CA ASP B 268 -0.86 0.66 -23.08
C ASP B 268 -1.53 1.74 -23.93
N PHE B 269 -2.60 2.32 -23.37
CA PHE B 269 -3.32 3.41 -23.99
C PHE B 269 -2.96 4.71 -23.29
N PRO B 270 -2.21 5.61 -23.92
CA PRO B 270 -1.75 6.82 -23.22
C PRO B 270 -2.87 7.75 -22.79
N LEU B 271 -4.02 7.72 -23.46
CA LEU B 271 -5.08 8.67 -23.18
C LEU B 271 -6.00 8.25 -22.05
N ARG B 272 -5.82 7.05 -21.49
CA ARG B 272 -6.70 6.56 -20.44
C ARG B 272 -5.99 6.10 -19.18
N HIS B 273 -4.68 5.86 -19.22
CA HIS B 273 -3.99 5.29 -18.09
C HIS B 273 -2.67 6.02 -17.87
N ASN B 274 -2.46 6.53 -16.67
CA ASN B 274 -1.23 7.22 -16.30
C ASN B 274 -0.37 6.25 -15.49
N GLN B 275 0.77 5.85 -16.05
CA GLN B 275 1.60 4.84 -15.43
C GLN B 275 2.41 5.40 -14.27
N TRP B 276 2.85 6.65 -14.38
CA TRP B 276 3.67 7.29 -13.37
C TRP B 276 3.03 8.59 -12.92
N THR B 277 3.33 8.98 -11.68
CA THR B 277 2.88 10.25 -11.13
C THR B 277 4.06 10.89 -10.40
N LEU B 278 4.64 11.93 -10.99
CA LEU B 278 5.72 12.65 -10.36
C LEU B 278 5.16 13.61 -9.33
N ALA B 279 5.61 13.48 -8.08
CA ALA B 279 5.13 14.29 -6.98
C ALA B 279 6.29 15.04 -6.35
N ILE B 280 6.10 16.33 -6.11
CA ILE B 280 7.07 17.17 -5.41
C ILE B 280 6.37 17.73 -4.19
N ILE B 281 6.84 17.35 -3.00
CA ILE B 281 6.19 17.71 -1.74
C ILE B 281 7.21 18.37 -0.83
N PRO B 282 6.97 19.60 -0.39
CA PRO B 282 7.88 20.22 0.59
C PRO B 282 7.69 19.66 1.99
N VAL B 283 8.62 18.80 2.42
CA VAL B 283 8.54 18.26 3.77
C VAL B 283 8.86 19.33 4.80
N VAL B 284 9.91 20.10 4.55
CA VAL B 284 10.29 21.23 5.39
C VAL B 284 9.92 22.50 4.64
N PRO B 285 9.02 23.33 5.18
CA PRO B 285 8.55 24.50 4.44
C PRO B 285 9.68 25.47 4.14
N LEU B 286 9.55 26.16 3.00
CA LEU B 286 10.52 27.18 2.63
C LEU B 286 10.49 28.33 3.63
N GLY B 287 11.67 28.87 3.91
CA GLY B 287 11.77 29.94 4.90
C GLY B 287 12.92 30.86 4.61
N THR B 288 12.74 32.12 5.03
CA THR B 288 13.80 33.13 4.99
C THR B 288 13.44 34.18 6.03
N ARG B 289 14.26 35.24 6.10
CA ARG B 289 14.00 36.29 7.08
C ARG B 289 12.63 36.94 6.86
N THR B 290 12.30 37.24 5.62
CA THR B 290 10.99 37.79 5.32
C THR B 290 9.93 36.71 5.49
N VAL B 291 8.74 37.13 5.93
CA VAL B 291 7.65 36.17 6.16
C VAL B 291 7.13 35.58 4.86
N SER B 292 7.38 36.23 3.72
CA SER B 292 6.93 35.74 2.42
C SER B 292 8.15 35.34 1.61
N SER B 293 8.15 34.10 1.10
CA SER B 293 9.25 33.57 0.33
C SER B 293 8.73 32.95 -0.96
N MET B 294 9.56 32.96 -1.98
CA MET B 294 9.20 32.38 -3.28
C MET B 294 10.46 31.85 -3.92
N VAL B 295 10.40 30.61 -4.38
CA VAL B 295 11.53 29.97 -5.08
C VAL B 295 10.97 29.20 -6.26
N PRO B 296 11.36 29.52 -7.48
CA PRO B 296 10.84 28.79 -8.64
C PRO B 296 11.34 27.35 -8.67
N ILE B 297 10.47 26.46 -9.14
CA ILE B 297 10.81 25.06 -9.33
C ILE B 297 10.53 24.70 -10.78
N THR B 298 11.53 24.16 -11.46
CA THR B 298 11.44 23.82 -12.88
C THR B 298 11.46 22.31 -13.06
N VAL B 299 10.49 21.80 -13.81
CA VAL B 299 10.36 20.38 -14.08
C VAL B 299 10.54 20.14 -15.57
N SER B 300 11.44 19.24 -15.93
CA SER B 300 11.70 18.87 -17.31
C SER B 300 11.53 17.37 -17.46
N ILE B 301 10.71 16.96 -18.41
CA ILE B 301 10.44 15.55 -18.68
C ILE B 301 10.91 15.23 -20.10
N ALA B 302 11.73 14.19 -20.22
CA ALA B 302 12.24 13.75 -21.51
C ALA B 302 11.86 12.29 -21.75
N PRO B 303 10.76 12.03 -22.44
CA PRO B 303 10.42 10.64 -22.78
C PRO B 303 11.49 10.03 -23.66
N MET B 304 11.78 8.75 -23.41
CA MET B 304 12.82 8.03 -24.14
C MET B 304 12.19 6.86 -24.89
N CYS B 305 12.52 6.74 -26.18
CA CYS B 305 11.93 5.74 -27.06
C CYS B 305 10.41 5.87 -27.10
N CYS B 306 9.93 7.10 -27.24
CA CYS B 306 8.50 7.35 -27.24
C CYS B 306 7.82 6.69 -28.44
N GLU B 307 6.66 6.10 -28.21
CA GLU B 307 5.91 5.43 -29.26
C GLU B 307 4.54 6.06 -29.45
N GLY C 1 -6.60 -54.07 -5.20
CA GLY C 1 -6.86 -52.96 -4.30
C GLY C 1 -5.84 -52.83 -3.19
N VAL C 2 -5.57 -51.60 -2.78
CA VAL C 2 -4.62 -51.32 -1.71
C VAL C 2 -5.40 -51.24 -0.41
N PRO C 3 -5.06 -52.05 0.60
CA PRO C 3 -5.75 -51.95 1.90
C PRO C 3 -5.30 -50.71 2.64
N THR C 4 -6.27 -49.88 3.02
CA THR C 4 -5.99 -48.62 3.71
C THR C 4 -6.91 -48.46 4.90
N TYR C 5 -6.50 -47.62 5.84
CA TYR C 5 -7.32 -47.24 6.97
C TYR C 5 -7.19 -45.74 7.19
N LEU C 6 -8.24 -45.13 7.73
CA LEU C 6 -8.30 -43.69 7.88
C LEU C 6 -7.70 -43.27 9.22
N LEU C 7 -6.72 -42.38 9.17
CA LEU C 7 -6.10 -41.84 10.36
C LEU C 7 -6.99 -40.79 11.00
N PRO C 8 -6.80 -40.53 12.31
CA PRO C 8 -7.50 -39.41 12.93
C PRO C 8 -7.13 -38.10 12.27
N GLY C 9 -8.11 -37.21 12.15
CA GLY C 9 -7.89 -35.96 11.45
C GLY C 9 -8.07 -36.03 9.96
N SER C 10 -8.78 -37.02 9.45
CA SER C 10 -9.07 -37.12 8.03
C SER C 10 -10.38 -36.42 7.72
N GLY C 11 -10.44 -35.76 6.57
CA GLY C 11 -11.62 -35.01 6.22
C GLY C 11 -11.80 -33.72 6.97
N GLN C 12 -10.72 -33.16 7.50
CA GLN C 12 -10.76 -31.90 8.23
C GLN C 12 -10.15 -30.78 7.39
N PHE C 13 -10.65 -29.57 7.59
CA PHE C 13 -10.15 -28.39 6.92
C PHE C 13 -9.26 -27.62 7.91
N LEU C 14 -7.99 -27.47 7.57
CA LEU C 14 -7.02 -26.90 8.48
C LEU C 14 -6.83 -25.39 8.31
N THR C 15 -7.13 -24.85 7.13
CA THR C 15 -6.92 -23.45 6.76
C THR C 15 -5.45 -23.06 6.74
N THR C 16 -4.53 -24.00 6.95
CA THR C 16 -3.10 -23.72 6.93
C THR C 16 -2.32 -24.75 6.12
N ASP C 17 -2.91 -25.90 5.79
CA ASP C 17 -2.21 -26.91 5.03
C ASP C 17 -1.94 -26.44 3.61
N ASP C 18 -0.98 -27.08 2.96
CA ASP C 18 -0.61 -26.80 1.59
C ASP C 18 -0.74 -28.10 0.80
N HIS C 19 -1.94 -28.36 0.30
CA HIS C 19 -2.22 -29.54 -0.51
C HIS C 19 -2.64 -29.11 -1.91
N SER C 20 -2.13 -29.83 -2.90
CA SER C 20 -2.52 -29.56 -4.28
C SER C 20 -4.00 -29.81 -4.47
N SER C 21 -4.66 -28.91 -5.18
CA SER C 21 -6.09 -29.00 -5.43
C SER C 21 -6.35 -29.14 -6.92
N ALA C 22 -7.58 -29.48 -7.24
CA ALA C 22 -7.96 -29.72 -8.63
C ALA C 22 -8.04 -28.41 -9.40
N PRO C 23 -7.32 -28.26 -10.51
CA PRO C 23 -7.45 -27.04 -11.33
C PRO C 23 -8.85 -26.90 -11.87
N VAL C 24 -9.41 -25.69 -11.76
CA VAL C 24 -10.78 -25.46 -12.21
C VAL C 24 -10.85 -25.45 -13.73
N LEU C 25 -9.80 -24.98 -14.39
CA LEU C 25 -9.74 -24.91 -15.85
C LEU C 25 -8.41 -25.50 -16.32
N PRO C 26 -8.32 -26.83 -16.39
CA PRO C 26 -7.04 -27.45 -16.75
C PRO C 26 -6.52 -27.05 -18.12
N CYS C 27 -7.40 -26.83 -19.09
CA CYS C 27 -6.97 -26.52 -20.45
C CYS C 27 -6.63 -25.06 -20.66
N PHE C 28 -6.99 -24.18 -19.73
CA PHE C 28 -6.72 -22.76 -19.90
C PHE C 28 -5.25 -22.46 -19.69
N ASN C 29 -4.68 -21.65 -20.59
CA ASN C 29 -3.28 -21.26 -20.49
C ASN C 29 -3.20 -19.83 -19.96
N PRO C 30 -2.65 -19.60 -18.77
CA PRO C 30 -2.58 -18.25 -18.24
C PRO C 30 -1.65 -17.38 -19.07
N THR C 31 -1.89 -16.07 -18.99
CA THR C 31 -1.07 -15.12 -19.73
C THR C 31 0.39 -15.23 -19.27
N PRO C 32 1.34 -15.35 -20.19
CA PRO C 32 2.74 -15.43 -19.79
C PRO C 32 3.18 -14.17 -19.06
N GLU C 33 4.05 -14.35 -18.07
CA GLU C 33 4.53 -13.24 -17.28
C GLU C 33 5.71 -12.56 -17.96
N MET C 34 5.71 -11.23 -17.96
CA MET C 34 6.84 -10.45 -18.42
C MET C 34 7.62 -9.91 -17.23
N HIS C 35 8.78 -9.32 -17.53
CA HIS C 35 9.61 -8.71 -16.50
C HIS C 35 9.02 -7.36 -16.12
N ILE C 36 8.60 -7.24 -14.86
CA ILE C 36 8.13 -5.98 -14.29
C ILE C 36 9.16 -5.51 -13.27
N PRO C 37 9.77 -4.34 -13.44
CA PRO C 37 10.79 -3.91 -12.49
C PRO C 37 10.18 -3.64 -11.12
N GLY C 38 10.99 -3.88 -10.08
CA GLY C 38 10.55 -3.67 -8.73
C GLY C 38 9.93 -4.87 -8.06
N GLN C 39 10.38 -6.08 -8.39
CA GLN C 39 9.81 -7.28 -7.80
C GLN C 39 10.21 -7.40 -6.33
N VAL C 40 9.27 -7.81 -5.50
CA VAL C 40 9.51 -8.08 -4.08
C VAL C 40 9.44 -9.57 -3.87
N ARG C 41 10.54 -10.16 -3.38
CA ARG C 41 10.58 -11.57 -3.06
C ARG C 41 10.55 -11.85 -1.57
N ASN C 42 11.07 -10.93 -0.75
CA ASN C 42 11.06 -11.07 0.70
C ASN C 42 10.64 -9.74 1.31
N MET C 43 9.84 -9.79 2.37
CA MET C 43 9.38 -8.57 3.01
C MET C 43 10.45 -7.91 3.86
N LEU C 44 11.58 -8.57 4.10
CA LEU C 44 12.69 -7.92 4.80
C LEU C 44 13.30 -6.81 3.98
N GLU C 45 13.21 -6.91 2.64
CA GLU C 45 13.73 -5.83 1.80
C GLU C 45 12.89 -4.56 1.94
N VAL C 46 11.62 -4.69 2.31
CA VAL C 46 10.77 -3.53 2.48
C VAL C 46 11.20 -2.72 3.69
N ILE C 47 11.43 -3.39 4.83
CA ILE C 47 11.79 -2.68 6.05
C ILE C 47 13.22 -2.16 6.03
N GLN C 48 14.03 -2.57 5.07
CA GLN C 48 15.38 -2.04 4.94
C GLN C 48 15.42 -0.71 4.21
N VAL C 49 14.27 -0.20 3.77
CA VAL C 49 14.18 1.11 3.15
C VAL C 49 13.84 2.13 4.22
N GLU C 50 14.63 3.20 4.27
CA GLU C 50 14.44 4.22 5.30
C GLU C 50 13.12 4.94 5.10
N SER C 51 12.45 5.24 6.21
CA SER C 51 11.20 5.99 6.20
C SER C 51 11.25 7.03 7.31
N MET C 52 10.51 8.11 7.12
CA MET C 52 10.59 9.23 8.05
C MET C 52 9.91 8.90 9.37
N MET C 53 10.50 9.40 10.45
CA MET C 53 9.98 9.22 11.80
C MET C 53 9.15 10.43 12.21
N GLU C 54 8.12 10.18 13.02
CA GLU C 54 7.33 11.25 13.61
C GLU C 54 8.06 11.75 14.87
N ILE C 55 9.15 12.48 14.62
CA ILE C 55 10.02 12.91 15.70
C ILE C 55 9.31 13.91 16.61
N ASN C 56 8.50 14.80 16.03
CA ASN C 56 7.77 15.77 16.82
C ASN C 56 6.65 15.09 17.58
N ASN C 57 6.95 14.58 18.77
CA ASN C 57 6.01 13.80 19.54
C ASN C 57 5.07 14.64 20.39
N THR C 58 5.12 15.96 20.28
CA THR C 58 4.22 16.81 21.03
C THR C 58 2.78 16.51 20.65
N GLU C 59 1.88 16.55 21.65
CA GLU C 59 0.50 16.13 21.44
C GLU C 59 -0.21 17.04 20.45
N ASN C 60 0.01 18.35 20.54
CA ASN C 60 -0.69 19.28 19.67
C ASN C 60 -0.25 19.17 18.22
N ALA C 61 0.90 18.56 17.94
CA ALA C 61 1.37 18.42 16.57
C ALA C 61 0.48 17.45 15.80
N VAL C 62 0.06 17.86 14.61
CA VAL C 62 -0.84 17.07 13.78
C VAL C 62 -0.37 17.13 12.34
N GLY C 63 -0.43 16.00 11.65
CA GLY C 63 -0.14 15.97 10.24
C GLY C 63 1.32 16.22 9.94
N MET C 64 1.57 17.19 9.06
CA MET C 64 2.94 17.44 8.59
C MET C 64 3.85 17.93 9.70
N GLN C 65 3.30 18.64 10.69
CA GLN C 65 4.12 19.17 11.77
C GLN C 65 4.77 18.07 12.60
N ARG C 66 4.24 16.86 12.57
CA ARG C 66 4.78 15.77 13.37
C ARG C 66 6.08 15.22 12.81
N LEU C 67 6.45 15.54 11.58
CA LEU C 67 7.63 14.97 10.95
C LEU C 67 8.89 15.79 11.17
N LYS C 68 8.79 16.97 11.76
CA LYS C 68 9.95 17.83 11.94
C LYS C 68 9.92 18.50 13.31
N VAL C 69 11.09 18.65 13.91
CA VAL C 69 11.25 19.43 15.13
C VAL C 69 11.99 20.71 14.79
N ASP C 70 11.52 21.82 15.34
CA ASP C 70 12.04 23.14 15.01
C ASP C 70 13.08 23.58 16.02
N ILE C 71 14.22 24.04 15.51
CA ILE C 71 15.26 24.65 16.33
C ILE C 71 15.25 26.14 16.04
N SER C 72 15.08 26.94 17.07
CA SER C 72 15.05 28.39 16.94
C SER C 72 16.28 29.00 17.59
N VAL C 73 16.49 30.29 17.29
CA VAL C 73 17.57 31.02 17.93
C VAL C 73 17.33 31.14 19.43
N LEU C 74 16.06 31.25 19.83
CA LEU C 74 15.71 31.43 21.23
C LEU C 74 15.77 30.14 22.03
N THR C 75 15.97 28.99 21.39
CA THR C 75 16.05 27.74 22.13
C THR C 75 17.29 27.72 23.01
N ASP C 76 17.10 27.39 24.28
CA ASP C 76 18.20 27.42 25.24
C ASP C 76 19.13 26.23 25.04
N VAL C 77 20.38 26.40 25.46
CA VAL C 77 21.31 25.29 25.42
C VAL C 77 20.95 24.26 26.49
N ASP C 78 21.50 23.06 26.34
CA ASP C 78 21.25 21.94 27.24
C ASP C 78 19.77 21.58 27.32
N GLN C 79 19.00 21.91 26.28
CA GLN C 79 17.57 21.66 26.26
C GLN C 79 17.27 20.42 25.43
N LEU C 80 16.42 19.56 25.95
CA LEU C 80 16.03 18.35 25.22
C LEU C 80 15.20 18.73 24.00
N LEU C 81 15.56 18.17 22.84
CA LEU C 81 14.82 18.43 21.61
C LEU C 81 13.79 17.34 21.35
N PHE C 82 14.19 16.07 21.43
CA PHE C 82 13.27 14.97 21.23
C PHE C 82 13.86 13.72 21.86
N ASN C 83 12.98 12.76 22.13
CA ASN C 83 13.38 11.43 22.59
C ASN C 83 12.58 10.39 21.83
N ILE C 84 13.27 9.35 21.37
CA ILE C 84 12.68 8.32 20.53
C ILE C 84 12.81 6.97 21.25
N PRO C 85 11.76 6.51 21.91
CA PRO C 85 11.79 5.17 22.49
C PRO C 85 11.98 4.11 21.42
N LEU C 86 12.77 3.10 21.75
CA LEU C 86 13.15 2.07 20.78
C LEU C 86 12.26 0.83 20.91
N ASP C 87 10.97 1.02 20.62
CA ASP C 87 10.01 -0.08 20.59
C ASP C 87 9.08 0.17 19.41
N ILE C 88 9.29 -0.57 18.32
CA ILE C 88 8.53 -0.35 17.10
C ILE C 88 7.06 -0.67 17.32
N GLN C 89 6.75 -1.75 18.03
CA GLN C 89 5.36 -2.09 18.30
C GLN C 89 4.69 -1.04 19.17
N LEU C 90 5.46 -0.36 20.02
CA LEU C 90 4.90 0.69 20.85
C LEU C 90 4.51 1.90 20.01
N ASP C 91 3.44 2.57 20.44
CA ASP C 91 2.96 3.76 19.74
C ASP C 91 3.90 4.92 20.04
N GLY C 92 4.63 5.38 19.02
CA GLY C 92 5.55 6.47 19.18
C GLY C 92 6.07 6.97 17.84
N PRO C 93 7.27 7.55 17.85
CA PRO C 93 7.86 8.02 16.59
C PRO C 93 8.06 6.92 15.57
N LEU C 94 8.35 5.70 16.01
CA LEU C 94 8.60 4.58 15.10
C LEU C 94 7.34 3.90 14.63
N ARG C 95 6.16 4.34 15.09
CA ARG C 95 4.93 3.61 14.79
C ARG C 95 4.60 3.68 13.30
N ASN C 96 4.38 4.88 12.78
CA ASN C 96 3.94 5.04 11.40
C ASN C 96 5.12 5.06 10.44
N THR C 97 5.97 4.05 10.51
CA THR C 97 7.06 3.85 9.59
C THR C 97 6.93 2.49 8.92
N LEU C 98 7.76 2.25 7.92
CA LEU C 98 7.73 0.96 7.24
C LEU C 98 8.09 -0.16 8.21
N VAL C 99 9.13 0.05 9.02
CA VAL C 99 9.58 -0.99 9.96
C VAL C 99 8.47 -1.32 10.94
N GLY C 100 7.87 -0.29 11.55
CA GLY C 100 6.81 -0.53 12.52
C GLY C 100 5.58 -1.16 11.90
N ASN C 101 5.19 -0.67 10.72
CA ASN C 101 3.99 -1.20 10.06
C ASN C 101 4.16 -2.67 9.71
N ILE C 102 5.31 -3.05 9.17
CA ILE C 102 5.52 -4.46 8.83
C ILE C 102 5.68 -5.29 10.10
N SER C 103 6.37 -4.76 11.11
CA SER C 103 6.59 -5.52 12.34
C SER C 103 5.30 -5.78 13.09
N ARG C 104 4.33 -4.89 12.99
CA ARG C 104 3.05 -5.14 13.65
C ARG C 104 2.29 -6.31 13.03
N TYR C 105 2.72 -6.80 11.87
CA TYR C 105 2.15 -8.01 11.29
C TYR C 105 2.75 -9.28 11.88
N TYR C 106 3.75 -9.16 12.74
CA TYR C 106 4.42 -10.31 13.33
C TYR C 106 4.42 -10.16 14.85
N THR C 107 4.83 -11.21 15.53
CA THR C 107 4.84 -11.24 16.99
C THR C 107 6.22 -11.01 17.59
N HIS C 108 7.23 -11.70 17.09
CA HIS C 108 8.58 -11.60 17.62
C HIS C 108 9.46 -10.90 16.59
N TRP C 109 10.12 -9.82 17.01
CA TRP C 109 11.01 -9.07 16.16
C TRP C 109 12.37 -8.96 16.83
N SER C 110 13.43 -9.02 16.02
CA SER C 110 14.79 -8.95 16.53
C SER C 110 15.69 -8.40 15.44
N GLY C 111 16.65 -7.60 15.84
CA GLY C 111 17.59 -7.01 14.90
C GLY C 111 18.08 -5.67 15.40
N SER C 112 18.75 -4.95 14.50
CA SER C 112 19.31 -3.65 14.80
C SER C 112 18.72 -2.60 13.86
N LEU C 113 18.47 -1.41 14.39
CA LEU C 113 17.91 -0.31 13.63
C LEU C 113 19.01 0.70 13.28
N GLU C 114 18.75 1.47 12.23
CA GLU C 114 19.65 2.54 11.81
C GLU C 114 18.86 3.81 11.64
N MET C 115 19.31 4.88 12.30
CA MET C 115 18.65 6.18 12.23
C MET C 115 19.52 7.17 11.49
N THR C 116 18.87 8.01 10.68
CA THR C 116 19.54 9.09 9.97
C THR C 116 18.79 10.38 10.24
N PHE C 117 19.51 11.42 10.64
CA PHE C 117 18.93 12.72 10.92
C PHE C 117 19.48 13.73 9.92
N MET C 118 18.59 14.51 9.31
CA MET C 118 18.96 15.49 8.31
C MET C 118 18.60 16.87 8.79
N PHE C 119 19.56 17.79 8.73
CA PHE C 119 19.33 19.18 9.08
C PHE C 119 18.91 19.95 7.85
N CYS C 120 17.79 20.65 7.94
CA CYS C 120 17.19 21.34 6.80
C CYS C 120 17.14 22.84 7.03
N GLY C 121 18.20 23.40 7.59
CA GLY C 121 18.31 24.84 7.76
C GLY C 121 19.01 25.49 6.59
N SER C 122 19.31 26.77 6.76
CA SER C 122 20.00 27.52 5.72
C SER C 122 21.44 27.03 5.59
N PHE C 123 22.11 27.48 4.53
CA PHE C 123 23.46 27.02 4.24
C PHE C 123 24.44 27.46 5.32
N MET C 124 24.30 28.68 5.82
CA MET C 124 25.25 29.26 6.76
C MET C 124 24.85 29.05 8.21
N ALA C 125 23.77 28.32 8.47
CA ALA C 125 23.38 28.02 9.85
C ALA C 125 24.39 27.09 10.49
N THR C 126 24.74 27.36 11.74
CA THR C 126 25.75 26.61 12.46
C THR C 126 25.27 26.29 13.87
N GLY C 127 25.84 25.25 14.43
CA GLY C 127 25.51 24.84 15.78
C GLY C 127 25.94 23.40 16.02
N LYS C 128 25.76 22.97 17.26
CA LYS C 128 26.14 21.63 17.67
C LYS C 128 24.99 20.97 18.43
N LEU C 129 24.77 19.70 18.13
CA LEU C 129 23.77 18.90 18.82
C LEU C 129 24.41 17.62 19.35
N ILE C 130 23.86 17.11 20.44
CA ILE C 130 24.34 15.88 21.06
C ILE C 130 23.27 14.82 20.91
N LEU C 131 23.61 13.73 20.23
CA LEU C 131 22.72 12.59 20.06
C LEU C 131 23.22 11.45 20.93
N CYS C 132 22.46 11.09 21.94
CA CYS C 132 22.85 10.07 22.90
C CYS C 132 21.93 8.86 22.77
N TYR C 133 22.52 7.68 22.92
CA TYR C 133 21.79 6.42 22.90
C TYR C 133 21.79 5.82 24.29
N THR C 134 20.59 5.46 24.77
CA THR C 134 20.44 4.86 26.08
C THR C 134 20.09 3.39 25.94
N PRO C 135 20.86 2.48 26.52
CA PRO C 135 20.55 1.05 26.40
C PRO C 135 19.25 0.73 27.11
N PRO C 136 18.63 -0.41 26.77
CA PRO C 136 17.31 -0.73 27.36
C PRO C 136 17.31 -0.76 28.87
N GLY C 137 18.38 -1.25 29.49
CA GLY C 137 18.45 -1.29 30.93
C GLY C 137 18.99 0.00 31.53
N GLY C 138 18.27 1.10 31.34
CA GLY C 138 18.71 2.37 31.84
C GLY C 138 17.57 3.38 31.81
N SER C 139 17.86 4.55 32.37
CA SER C 139 16.90 5.64 32.44
C SER C 139 17.20 6.67 31.36
N CYS C 140 16.13 7.24 30.78
CA CYS C 140 16.30 8.24 29.75
C CYS C 140 16.98 9.48 30.33
N PRO C 141 18.06 9.97 29.74
CA PRO C 141 18.74 11.14 30.29
C PRO C 141 17.89 12.38 30.19
N THR C 142 18.08 13.29 31.15
CA THR C 142 17.33 14.54 31.18
C THR C 142 18.20 15.78 31.04
N THR C 143 19.51 15.67 31.22
CA THR C 143 20.40 16.81 31.11
C THR C 143 21.56 16.48 30.17
N ARG C 144 22.17 17.54 29.62
CA ARG C 144 23.20 17.36 28.61
C ARG C 144 24.42 16.63 29.17
N GLU C 145 24.86 16.98 30.37
CA GLU C 145 26.06 16.34 30.91
C GLU C 145 25.79 14.90 31.32
N THR C 146 24.57 14.61 31.80
CA THR C 146 24.20 13.23 32.07
C THR C 146 24.19 12.41 30.78
N ALA C 147 23.67 13.00 29.69
CA ALA C 147 23.68 12.32 28.40
C ALA C 147 25.10 12.10 27.90
N MET C 148 25.99 13.07 28.15
CA MET C 148 27.36 12.97 27.67
C MET C 148 28.12 11.80 28.29
N LEU C 149 27.67 11.32 29.46
CA LEU C 149 28.37 10.21 30.10
C LEU C 149 28.28 8.93 29.27
N GLY C 150 27.11 8.66 28.69
CA GLY C 150 26.90 7.47 27.90
C GLY C 150 27.39 7.64 26.47
N THR C 151 27.06 6.65 25.65
CA THR C 151 27.41 6.70 24.24
C THR C 151 26.66 7.84 23.56
N HIS C 152 27.40 8.73 22.92
CA HIS C 152 26.81 9.93 22.35
C HIS C 152 27.62 10.38 21.14
N ILE C 153 26.99 11.19 20.31
CA ILE C 153 27.64 11.78 19.14
C ILE C 153 27.41 13.28 19.18
N VAL C 154 28.50 14.05 19.08
CA VAL C 154 28.42 15.51 19.01
C VAL C 154 28.31 15.87 17.53
N TRP C 155 27.10 16.25 17.12
CA TRP C 155 26.81 16.52 15.72
C TRP C 155 26.87 18.02 15.46
N ASP C 156 27.79 18.45 14.61
CA ASP C 156 27.90 19.84 14.18
C ASP C 156 27.22 19.94 12.82
N PHE C 157 26.00 20.48 12.81
CA PHE C 157 25.25 20.56 11.57
C PHE C 157 25.66 21.74 10.71
N GLY C 158 26.56 22.61 11.20
CA GLY C 158 27.14 23.62 10.35
C GLY C 158 28.12 23.08 9.34
N LEU C 159 28.64 21.88 9.59
CA LEU C 159 29.59 21.22 8.70
C LEU C 159 28.98 20.01 8.00
N GLN C 160 28.26 19.17 8.74
CA GLN C 160 27.63 17.96 8.20
C GLN C 160 26.11 18.11 8.29
N SER C 161 25.45 18.00 7.14
CA SER C 161 23.99 18.14 7.12
C SER C 161 23.25 16.86 7.51
N SER C 162 23.93 15.72 7.54
CA SER C 162 23.29 14.45 7.87
C SER C 162 24.21 13.65 8.76
N VAL C 163 23.62 13.00 9.77
CA VAL C 163 24.34 12.12 10.67
C VAL C 163 23.57 10.81 10.78
N THR C 164 24.32 9.72 10.87
CA THR C 164 23.74 8.38 10.93
C THR C 164 24.07 7.74 12.27
N LEU C 165 23.05 7.23 12.95
CA LEU C 165 23.20 6.57 14.24
C LEU C 165 22.71 5.13 14.11
N VAL C 166 23.56 4.19 14.51
CA VAL C 166 23.27 2.77 14.38
C VAL C 166 22.90 2.23 15.75
N ILE C 167 21.65 1.83 15.92
CA ILE C 167 21.20 1.22 17.17
C ILE C 167 21.69 -0.22 17.22
N PRO C 168 22.27 -0.68 18.33
CA PRO C 168 22.78 -2.05 18.39
C PRO C 168 21.66 -3.07 18.41
N TRP C 169 22.05 -4.33 18.19
CA TRP C 169 21.09 -5.42 18.08
C TRP C 169 20.25 -5.53 19.35
N ILE C 170 18.93 -5.62 19.16
CA ILE C 170 17.98 -5.68 20.26
C ILE C 170 16.92 -6.71 19.93
N SER C 171 16.56 -7.52 20.92
CA SER C 171 15.51 -8.54 20.79
C SER C 171 14.28 -8.03 21.52
N GLY C 172 13.28 -7.58 20.76
CA GLY C 172 12.08 -7.06 21.38
C GLY C 172 11.23 -8.14 22.03
N SER C 173 11.39 -9.39 21.61
CA SER C 173 10.61 -10.48 22.17
C SER C 173 10.96 -10.69 23.65
N HIS C 174 12.24 -10.69 23.98
CA HIS C 174 12.65 -10.93 25.36
C HIS C 174 12.37 -9.73 26.24
N TYR C 175 12.48 -8.51 25.68
CA TYR C 175 12.45 -7.29 26.49
C TYR C 175 11.01 -6.84 26.71
N ARG C 176 10.33 -7.57 27.60
CA ARG C 176 9.08 -7.11 28.20
C ARG C 176 7.98 -6.86 27.17
N MET C 177 7.59 -7.91 26.45
CA MET C 177 6.41 -7.85 25.59
C MET C 177 5.27 -8.57 26.31
N PHE C 178 4.32 -7.79 26.85
CA PHE C 178 3.26 -8.21 27.75
C PHE C 178 3.72 -9.32 28.70
N ASN C 179 4.78 -9.06 29.46
CA ASN C 179 5.26 -10.01 30.47
C ASN C 179 4.62 -9.73 31.82
N ASN C 180 3.29 -9.66 31.85
CA ASN C 180 2.55 -9.37 33.06
C ASN C 180 1.10 -9.81 32.92
N ALA C 187 8.27 1.32 26.71
CA ALA C 187 8.44 0.07 27.45
C ALA C 187 9.87 -0.07 27.95
N ASN C 188 10.58 1.05 28.01
CA ASN C 188 11.97 1.09 28.50
C ASN C 188 12.85 0.12 27.73
N VAL C 189 12.69 0.12 26.40
CA VAL C 189 13.51 -0.71 25.52
C VAL C 189 14.71 0.05 24.97
N GLY C 190 14.93 1.27 25.42
CA GLY C 190 16.02 2.09 24.92
C GLY C 190 15.52 3.39 24.33
N TYR C 191 16.31 4.45 24.45
CA TYR C 191 15.91 5.77 23.98
C TYR C 191 17.03 6.38 23.16
N VAL C 192 16.64 7.27 22.25
CA VAL C 192 17.58 8.13 21.52
C VAL C 192 17.10 9.56 21.72
N THR C 193 17.92 10.37 22.38
CA THR C 193 17.56 11.74 22.70
C THR C 193 18.56 12.71 22.10
N CYS C 194 18.11 13.94 21.87
CA CYS C 194 18.94 14.99 21.30
C CYS C 194 18.95 16.20 22.23
N PHE C 195 20.13 16.78 22.41
CA PHE C 195 20.30 17.96 23.24
C PHE C 195 21.02 19.03 22.45
N MET C 196 20.74 20.29 22.78
CA MET C 196 21.33 21.43 22.08
C MET C 196 22.64 21.78 22.79
N GLN C 197 23.76 21.40 22.18
CA GLN C 197 25.05 21.67 22.80
C GLN C 197 25.37 23.16 22.79
N THR C 198 25.15 23.82 21.66
CA THR C 198 25.37 25.26 21.54
C THR C 198 24.09 25.92 21.06
N ASN C 199 24.12 27.24 20.93
CA ASN C 199 23.01 27.95 20.35
C ASN C 199 23.02 27.81 18.84
N LEU C 200 21.88 28.13 18.22
CA LEU C 200 21.79 28.14 16.77
C LEU C 200 22.18 29.52 16.24
N ILE C 201 23.18 29.55 15.37
CA ILE C 201 23.69 30.80 14.82
C ILE C 201 23.32 30.84 13.34
N VAL C 202 22.64 31.91 12.93
CA VAL C 202 22.21 32.07 11.55
C VAL C 202 22.54 33.47 11.07
N PRO C 203 22.79 33.68 9.78
CA PRO C 203 22.99 35.04 9.27
C PRO C 203 21.69 35.83 9.32
N SER C 204 21.83 37.15 9.28
CA SER C 204 20.67 38.03 9.45
C SER C 204 19.66 37.86 8.34
N GLU C 205 20.09 37.45 7.15
CA GLU C 205 19.18 37.28 6.03
C GLU C 205 18.44 35.93 6.04
N SER C 206 18.88 34.98 6.87
CA SER C 206 18.27 33.68 6.91
C SER C 206 17.12 33.64 7.92
N SER C 207 16.39 32.54 7.93
CA SER C 207 15.29 32.37 8.86
C SER C 207 15.81 32.06 10.26
N ASN C 208 15.05 32.49 11.26
CA ASN C 208 15.42 32.27 12.65
C ASN C 208 15.14 30.87 13.14
N THR C 209 14.42 30.05 12.35
CA THR C 209 14.03 28.72 12.77
C THR C 209 14.50 27.71 11.74
N CYS C 210 15.03 26.59 12.22
CA CYS C 210 15.48 25.50 11.36
C CYS C 210 14.84 24.20 11.84
N SER C 211 14.73 23.24 10.93
CA SER C 211 13.99 22.01 11.20
C SER C 211 14.90 20.80 11.04
N LEU C 212 14.53 19.72 11.72
CA LEU C 212 15.25 18.46 11.66
C LEU C 212 14.34 17.37 11.13
N ILE C 213 14.89 16.52 10.27
CA ILE C 213 14.17 15.39 9.68
C ILE C 213 14.91 14.12 10.05
N GLY C 214 14.18 13.12 10.53
CA GLY C 214 14.77 11.86 10.95
C GLY C 214 14.21 10.69 10.15
N PHE C 215 15.07 9.71 9.89
CA PHE C 215 14.69 8.50 9.19
C PHE C 215 15.08 7.29 10.02
N VAL C 216 14.40 6.18 9.78
CA VAL C 216 14.70 4.91 10.45
C VAL C 216 14.64 3.79 9.42
N ALA C 217 15.57 2.84 9.55
CA ALA C 217 15.60 1.68 8.68
C ALA C 217 16.13 0.50 9.47
N ALA C 218 15.78 -0.70 9.00
CA ALA C 218 16.23 -1.94 9.62
C ALA C 218 17.44 -2.47 8.88
N LYS C 219 18.43 -2.95 9.64
CA LYS C 219 19.61 -3.54 9.04
C LYS C 219 19.29 -4.93 8.51
N ASP C 220 20.26 -5.52 7.81
CA ASP C 220 20.05 -6.82 7.19
C ASP C 220 19.93 -7.95 8.20
N ASP C 221 20.23 -7.71 9.47
CA ASP C 221 20.14 -8.73 10.50
C ASP C 221 18.76 -8.79 11.15
N PHE C 222 17.81 -7.98 10.69
CA PHE C 222 16.48 -7.98 11.27
C PHE C 222 15.77 -9.30 11.00
N SER C 223 14.90 -9.68 11.94
CA SER C 223 14.17 -10.93 11.85
C SER C 223 12.76 -10.74 12.39
N LEU C 224 11.79 -11.34 11.70
CA LEU C 224 10.39 -11.32 12.09
C LEU C 224 9.85 -12.74 12.12
N ARG C 225 9.01 -13.04 13.10
CA ARG C 225 8.50 -14.39 13.26
C ARG C 225 7.08 -14.34 13.81
N LEU C 226 6.35 -15.44 13.60
CA LEU C 226 5.01 -15.65 14.14
C LEU C 226 4.05 -14.54 13.67
N MET C 227 3.80 -14.56 12.36
CA MET C 227 2.91 -13.58 11.76
C MET C 227 1.53 -13.61 12.40
N ARG C 228 0.97 -12.43 12.62
CA ARG C 228 -0.35 -12.28 13.24
C ARG C 228 -1.18 -11.28 12.46
N ASP C 229 -2.31 -10.87 13.03
CA ASP C 229 -3.17 -9.87 12.40
C ASP C 229 -2.81 -8.50 12.92
N SER C 230 -2.54 -7.59 11.99
CA SER C 230 -2.15 -6.23 12.37
C SER C 230 -3.35 -5.50 12.99
N PRO C 231 -3.21 -4.89 14.16
CA PRO C 231 -4.31 -4.15 14.77
C PRO C 231 -4.48 -2.72 14.29
N ASP C 232 -3.56 -2.21 13.47
CA ASP C 232 -3.58 -0.84 13.02
C ASP C 232 -4.36 -0.63 11.73
N ILE C 233 -5.04 -1.68 11.23
CA ILE C 233 -5.82 -1.57 10.01
C ILE C 233 -6.97 -0.58 10.16
N GLY C 234 -7.36 -0.27 11.39
CA GLY C 234 -8.58 0.47 11.65
C GLY C 234 -9.77 -0.38 11.98
N GLN C 235 -9.58 -1.67 12.26
CA GLN C 235 -10.63 -2.60 12.66
C GLN C 235 -11.55 -2.87 11.46
N LEU C 236 -12.31 -3.96 11.52
CA LEU C 236 -13.22 -4.34 10.43
C LEU C 236 -14.52 -3.56 10.53
N GLU C 237 -14.67 -2.52 9.71
CA GLU C 237 -15.97 -1.93 9.43
C GLU C 237 -16.41 -2.34 8.03
N HIS C 238 -17.70 -2.62 7.87
CA HIS C 238 -18.25 -2.84 6.54
C HIS C 238 -18.11 -1.57 5.70
N LEU C 239 -17.75 -1.76 4.44
CA LEU C 239 -17.50 -0.65 3.53
C LEU C 239 -18.70 -0.43 2.61
N HIS C 240 -18.72 0.73 1.97
CA HIS C 240 -19.77 1.07 1.03
C HIS C 240 -19.58 0.32 -0.28
N GLU C 241 -20.69 0.11 -0.99
CA GLU C 241 -20.74 -0.62 -2.25
C GLU C 241 -20.24 -2.05 -2.12
N ALA C 242 -20.26 -2.60 -0.90
CA ALA C 242 -19.80 -3.97 -0.68
C ALA C 242 -20.85 -4.98 -1.11
N GLU C 243 -22.04 -4.90 -0.53
CA GLU C 243 -23.10 -5.85 -0.86
C GLU C 243 -23.52 -5.72 -2.31
N ALA C 244 -23.60 -4.48 -2.82
CA ALA C 244 -23.99 -4.25 -4.20
C ALA C 244 -22.94 -4.73 -5.20
N ALA C 245 -21.72 -5.02 -4.75
CA ALA C 245 -20.68 -5.46 -5.68
C ALA C 245 -20.88 -6.91 -6.10
N TYR C 246 -21.34 -7.75 -5.18
CA TYR C 246 -21.42 -9.20 -5.41
C TYR C 246 -22.76 -9.75 -4.95
N GLN C 247 -23.85 -9.13 -5.42
CA GLN C 247 -25.21 -9.58 -5.12
C GLN C 247 -25.38 -11.09 -5.27
#